data_5UJU
#
_entry.id   5UJU
#
_cell.length_a   114.430
_cell.length_b   114.430
_cell.length_c   154.520
_cell.angle_alpha   90.000
_cell.angle_beta   90.000
_cell.angle_gamma   120.000
#
_symmetry.space_group_name_H-M   'P 62'
#
loop_
_entity.id
_entity.type
_entity.pdbx_description
1 polymer 'NAD-dependent aldehyde dehydrogenase'
2 non-polymer 'SODIUM ION'
3 non-polymer 1,2-ETHANEDIOL
4 non-polymer IMIDAZOLE
5 water water
#
_entity_poly.entity_id   1
_entity_poly.type   'polypeptide(L)'
_entity_poly.pdbx_seq_one_letter_code
;MAHHHHHHMTHALFTKHEDTLKRALAAIESRGYWSPFAEMPSPKVYGESGNADGEAAFKSHLGKTFELDQPASGETVGAE
RSPYGVALDIRYPKSTPDALIAAAAAAQRTWREAGPSAWIGVSLEILARLNRASFEIAYSVMHTTGQAFMMAFQAGGPHA
QDRALEAVAYAWDQLRRIPADAHWEKPQGKNPPLAMQKRYTIVPRGTGLVLGCCTFPTWNGYPGLFADLATGNTVIVKPH
PGAILPLAITVRIARDVLREAGFDPNVVTLLATEPNDGALVQDLALRPEIKLIDFTGSTQNGTWLERHAHQAQVYTEKAG
VNQIVIDSTDDLKAAAKNIAFSLALYSGQMCTAPQNIYVPRDGIRTADGHASFDEVAQAIAGAVQKLTGDPARSVELIGA
IQNDGVTARIDAARAVGRVLLDSQTLQHPAFPDARVRTPLVLQLDVADREKFTQEWFGPISFVIATDSTAQSLDLAGEIA
AEHGALTLSVYSTADDVIDAAHEAAVRGGVALSINLTGGVFVNQSAAFSDFHGTGANPAANAALADAAFVANRFRVVQSR
VHVAPKAAPAEVGQPA
;
_entity_poly.pdbx_strand_id   A,B
#
loop_
_chem_comp.id
_chem_comp.type
_chem_comp.name
_chem_comp.formula
EDO non-polymer 1,2-ETHANEDIOL 'C2 H6 O2'
IMD non-polymer IMIDAZOLE 'C3 H5 N2 1'
NA non-polymer 'SODIUM ION' 'Na 1'
#
# COMPACT_ATOMS: atom_id res chain seq x y z
N MET A 9 -2.40 -18.35 21.40
CA MET A 9 -1.32 -19.33 21.55
C MET A 9 -0.50 -19.50 20.25
N THR A 10 0.77 -19.87 20.38
CA THR A 10 1.65 -20.01 19.23
C THR A 10 1.37 -21.33 18.52
N HIS A 11 1.12 -21.25 17.21
CA HIS A 11 0.87 -22.48 16.46
C HIS A 11 2.11 -23.36 16.44
N ALA A 12 1.90 -24.69 16.48
CA ALA A 12 3.02 -25.61 16.51
C ALA A 12 3.91 -25.45 15.29
N LEU A 13 3.32 -25.18 14.12
CA LEU A 13 4.12 -25.03 12.91
C LEU A 13 4.95 -23.74 12.94
N PHE A 14 4.48 -22.72 13.67
CA PHE A 14 5.30 -21.53 13.88
C PHE A 14 6.55 -21.86 14.67
N THR A 15 6.38 -22.51 15.82
CA THR A 15 7.52 -22.91 16.63
C THR A 15 8.46 -23.83 15.85
N LYS A 16 7.90 -24.69 15.00
CA LYS A 16 8.72 -25.64 14.25
C LYS A 16 9.68 -24.91 13.30
N HIS A 17 9.23 -23.84 12.66
CA HIS A 17 10.02 -23.15 11.64
C HIS A 17 10.53 -21.79 12.12
N GLU A 18 10.54 -21.56 13.43
CA GLU A 18 10.86 -20.24 13.96
C GLU A 18 12.29 -19.84 13.66
N ASP A 19 13.23 -20.80 13.72
CA ASP A 19 14.62 -20.48 13.43
C ASP A 19 14.80 -20.01 11.98
N THR A 20 14.15 -20.68 11.03
CA THR A 20 14.20 -20.22 9.64
C THR A 20 13.58 -18.83 9.51
N LEU A 21 12.48 -18.59 10.22
CA LEU A 21 11.79 -17.29 10.16
C LEU A 21 12.68 -16.18 10.69
N LYS A 22 13.31 -16.41 11.85
CA LYS A 22 14.18 -15.39 12.44
C LYS A 22 15.35 -15.06 11.51
N ARG A 23 15.94 -16.08 10.88
CA ARG A 23 17.02 -15.85 9.95
C ARG A 23 16.55 -15.11 8.70
N ALA A 24 15.32 -15.39 8.25
CA ALA A 24 14.82 -14.67 7.08
C ALA A 24 14.55 -13.20 7.41
N LEU A 25 14.05 -12.92 8.61
CA LEU A 25 13.90 -11.53 9.06
C LEU A 25 15.24 -10.80 9.04
N ALA A 26 16.28 -11.44 9.59
CA ALA A 26 17.60 -10.82 9.57
C ALA A 26 18.10 -10.64 8.14
N ALA A 27 17.76 -11.56 7.24
CA ALA A 27 18.23 -11.49 5.86
C ALA A 27 17.62 -10.30 5.12
N ILE A 28 16.31 -10.07 5.26
CA ILE A 28 15.68 -8.99 4.52
C ILE A 28 16.19 -7.62 4.97
N GLU A 29 16.69 -7.52 6.20
CA GLU A 29 17.21 -6.25 6.69
C GLU A 29 18.68 -6.00 6.31
N SER A 30 19.52 -7.04 6.35
CA SER A 30 20.94 -6.85 6.03
C SER A 30 21.22 -6.93 4.53
N ARG A 31 20.51 -7.80 3.83
CA ARG A 31 20.51 -7.90 2.36
C ARG A 31 21.84 -8.42 1.80
N GLY A 32 22.59 -9.19 2.58
CA GLY A 32 23.65 -10.04 2.06
C GLY A 32 23.06 -11.27 1.40
N TYR A 33 23.93 -12.27 1.16
CA TYR A 33 23.49 -13.53 0.54
C TYR A 33 22.95 -14.50 1.59
N TRP A 34 21.77 -15.05 1.33
CA TRP A 34 21.20 -16.10 2.18
C TRP A 34 20.06 -16.79 1.44
N SER A 35 19.97 -18.11 1.65
CA SER A 35 18.90 -18.96 1.12
C SER A 35 18.80 -20.23 1.93
N PRO A 36 17.63 -20.57 2.48
CA PRO A 36 17.49 -21.84 3.21
C PRO A 36 17.24 -23.03 2.30
N PHE A 37 17.06 -22.80 1.00
CA PHE A 37 16.71 -23.87 0.07
C PHE A 37 17.88 -24.06 -0.89
N ALA A 38 18.47 -25.25 -0.87
CA ALA A 38 19.65 -25.53 -1.68
C ALA A 38 19.32 -25.47 -3.15
N GLU A 39 19.97 -24.55 -3.87
CA GLU A 39 19.67 -24.38 -5.29
C GLU A 39 20.29 -25.46 -6.16
N MET A 40 21.30 -26.18 -5.67
CA MET A 40 21.80 -27.23 -6.56
C MET A 40 21.00 -28.53 -6.36
N PRO A 41 20.62 -29.20 -7.46
CA PRO A 41 19.88 -30.48 -7.37
C PRO A 41 20.80 -31.64 -6.99
N SER A 42 21.45 -31.51 -5.84
CA SER A 42 22.51 -32.41 -5.39
C SER A 42 21.92 -33.63 -4.69
N PRO A 43 22.47 -34.83 -4.93
CA PRO A 43 22.00 -36.00 -4.19
C PRO A 43 22.22 -35.89 -2.68
N LYS A 44 23.24 -35.15 -2.25
CA LYS A 44 23.48 -34.94 -0.82
C LYS A 44 22.25 -34.36 -0.13
N VAL A 45 21.61 -33.38 -0.75
CA VAL A 45 20.53 -32.67 -0.10
C VAL A 45 19.17 -33.33 -0.35
N TYR A 46 18.91 -33.78 -1.57
CA TYR A 46 17.58 -34.22 -1.97
C TYR A 46 17.45 -35.73 -2.09
N GLY A 47 18.45 -36.48 -1.65
CA GLY A 47 18.41 -37.93 -1.73
C GLY A 47 18.99 -38.45 -3.03
N GLU A 48 19.56 -39.66 -2.96
CA GLU A 48 20.19 -40.27 -4.13
C GLU A 48 19.17 -40.56 -5.24
N SER A 49 17.92 -40.82 -4.88
CA SER A 49 16.87 -41.05 -5.86
C SER A 49 15.95 -39.83 -6.01
N GLY A 50 16.42 -38.65 -5.58
CA GLY A 50 15.59 -37.45 -5.68
C GLY A 50 15.11 -37.16 -7.09
N ASN A 51 16.04 -37.16 -8.05
CA ASN A 51 15.67 -36.89 -9.44
C ASN A 51 14.72 -37.96 -9.97
N ALA A 52 15.09 -39.23 -9.81
CA ALA A 52 14.26 -40.32 -10.33
C ALA A 52 12.86 -40.31 -9.73
N ASP A 53 12.77 -40.12 -8.41
CA ASP A 53 11.46 -40.05 -7.76
C ASP A 53 10.67 -38.84 -8.26
N GLY A 54 11.34 -37.71 -8.44
CA GLY A 54 10.66 -36.54 -8.95
C GLY A 54 10.11 -36.79 -10.34
N GLU A 55 10.93 -37.40 -11.22
CA GLU A 55 10.49 -37.65 -12.58
C GLU A 55 9.33 -38.64 -12.59
N ALA A 56 9.37 -39.66 -11.73
CA ALA A 56 8.24 -40.59 -11.67
C ALA A 56 6.96 -39.88 -11.23
N ALA A 57 7.07 -38.98 -10.24
CA ALA A 57 5.89 -38.21 -9.81
C ALA A 57 5.36 -37.35 -10.94
N PHE A 58 6.25 -36.74 -11.72
CA PHE A 58 5.79 -35.95 -12.86
C PHE A 58 5.04 -36.81 -13.87
N LYS A 59 5.64 -37.96 -14.25
CA LYS A 59 4.98 -38.84 -15.22
C LYS A 59 3.64 -39.34 -14.75
N SER A 60 3.44 -39.46 -13.43
CA SER A 60 2.16 -39.94 -12.94
C SER A 60 1.02 -38.97 -13.25
N HIS A 61 1.31 -37.69 -13.51
CA HIS A 61 0.24 -36.75 -13.84
C HIS A 61 -0.19 -36.86 -15.30
N LEU A 62 0.62 -37.48 -16.15
CA LEU A 62 0.35 -37.47 -17.57
C LEU A 62 -0.77 -38.44 -17.90
N GLY A 63 -1.66 -38.04 -18.81
CA GLY A 63 -2.75 -38.90 -19.21
C GLY A 63 -3.81 -39.17 -18.16
N LYS A 64 -3.98 -38.29 -17.18
CA LYS A 64 -5.01 -38.52 -16.17
C LYS A 64 -5.51 -37.18 -15.65
N THR A 65 -6.63 -37.23 -14.94
CA THR A 65 -7.18 -36.04 -14.32
C THR A 65 -6.52 -35.81 -12.97
N PHE A 66 -6.04 -34.59 -12.75
CA PHE A 66 -5.39 -34.20 -11.51
C PHE A 66 -6.43 -34.18 -10.38
N GLU A 67 -6.13 -34.86 -9.28
CA GLU A 67 -7.08 -35.05 -8.19
C GLU A 67 -6.99 -33.89 -7.21
N LEU A 68 -8.11 -33.21 -7.00
CA LEU A 68 -8.34 -32.28 -5.89
C LEU A 68 -9.72 -32.52 -5.33
N ASP A 69 -9.89 -32.35 -4.01
CA ASP A 69 -11.19 -32.49 -3.38
C ASP A 69 -11.87 -31.14 -3.13
N GLN A 70 -11.68 -30.18 -4.02
CA GLN A 70 -12.37 -28.90 -3.99
C GLN A 70 -13.68 -29.00 -4.76
N PRO A 71 -14.61 -28.05 -4.58
CA PRO A 71 -15.89 -28.14 -5.31
C PRO A 71 -15.67 -28.15 -6.81
N ALA A 72 -16.39 -29.04 -7.49
CA ALA A 72 -16.15 -29.21 -8.92
C ALA A 72 -17.44 -29.59 -9.63
N SER A 73 -17.47 -29.33 -10.94
CA SER A 73 -18.66 -29.56 -11.73
C SER A 73 -18.74 -30.98 -12.29
N GLY A 74 -17.69 -31.78 -12.15
CA GLY A 74 -17.59 -33.06 -12.80
C GLY A 74 -16.95 -33.04 -14.17
N GLU A 75 -16.92 -31.88 -14.81
CA GLU A 75 -16.19 -31.72 -16.06
C GLU A 75 -14.71 -31.50 -15.80
N THR A 76 -13.90 -31.66 -16.84
CA THR A 76 -12.48 -31.38 -16.73
C THR A 76 -12.06 -30.31 -17.73
N VAL A 77 -10.83 -29.84 -17.55
CA VAL A 77 -10.30 -28.71 -18.30
C VAL A 77 -8.79 -28.90 -18.40
N GLY A 78 -8.19 -28.35 -19.45
CA GLY A 78 -6.75 -28.31 -19.54
C GLY A 78 -6.21 -28.68 -20.91
N ALA A 79 -5.42 -27.79 -21.50
CA ALA A 79 -4.85 -28.04 -22.83
C ALA A 79 -3.37 -27.69 -22.85
N GLU A 80 -2.65 -28.01 -21.78
CA GLU A 80 -1.22 -27.75 -21.75
C GLU A 80 -0.48 -28.59 -22.79
N ARG A 81 0.54 -28.00 -23.41
CA ARG A 81 1.43 -28.67 -24.35
C ARG A 81 2.87 -28.43 -23.94
N SER A 82 3.69 -29.45 -24.02
CA SER A 82 5.10 -29.33 -23.65
C SER A 82 5.88 -28.66 -24.79
N PRO A 83 6.64 -27.59 -24.50
CA PRO A 83 7.52 -27.05 -25.56
C PRO A 83 8.56 -28.04 -26.03
N TYR A 84 8.79 -29.12 -25.28
CA TYR A 84 9.71 -30.17 -25.71
C TYR A 84 9.04 -31.25 -26.54
N GLY A 85 7.74 -31.14 -26.79
CA GLY A 85 7.07 -32.07 -27.67
C GLY A 85 6.60 -33.35 -27.03
N VAL A 86 6.75 -33.47 -25.71
CA VAL A 86 6.26 -34.64 -24.97
C VAL A 86 4.76 -34.52 -24.81
N ALA A 87 4.03 -35.62 -25.03
CA ALA A 87 2.60 -35.64 -24.80
C ALA A 87 2.31 -35.52 -23.31
N LEU A 88 1.48 -34.55 -22.94
CA LEU A 88 1.11 -34.35 -21.54
C LEU A 88 -0.27 -34.94 -21.24
N ASP A 89 -1.29 -34.49 -21.97
CA ASP A 89 -2.67 -34.93 -21.77
C ASP A 89 -3.07 -34.89 -20.29
N ILE A 90 -2.80 -33.77 -19.67
CA ILE A 90 -3.20 -33.54 -18.28
C ILE A 90 -4.54 -32.84 -18.26
N ARG A 91 -5.44 -33.27 -17.37
CA ARG A 91 -6.70 -32.57 -17.15
C ARG A 91 -6.85 -32.23 -15.68
N TYR A 92 -7.64 -31.21 -15.40
CA TYR A 92 -7.93 -30.74 -14.06
C TYR A 92 -9.44 -30.66 -13.84
N PRO A 93 -9.91 -30.85 -12.60
CA PRO A 93 -11.35 -30.72 -12.35
C PRO A 93 -11.79 -29.29 -12.61
N LYS A 94 -12.85 -29.13 -13.40
CA LYS A 94 -13.33 -27.80 -13.75
C LYS A 94 -14.29 -27.28 -12.67
N SER A 95 -13.97 -26.12 -12.09
CA SER A 95 -14.81 -25.46 -11.10
C SER A 95 -15.20 -24.08 -11.60
N THR A 96 -16.29 -23.59 -11.11
CA THR A 96 -16.62 -22.23 -11.50
C THR A 96 -16.05 -21.23 -10.52
N PRO A 97 -15.81 -19.99 -10.97
CA PRO A 97 -15.46 -18.93 -10.02
C PRO A 97 -16.44 -18.83 -8.87
N ASP A 98 -17.74 -18.91 -9.18
CA ASP A 98 -18.79 -18.88 -8.17
C ASP A 98 -18.56 -19.91 -7.08
N ALA A 99 -18.37 -21.17 -7.47
CA ALA A 99 -18.19 -22.24 -6.50
C ALA A 99 -16.92 -22.04 -5.67
N LEU A 100 -15.84 -21.57 -6.29
CA LEU A 100 -14.60 -21.43 -5.54
C LEU A 100 -14.65 -20.23 -4.62
N ILE A 101 -15.30 -19.15 -5.05
CA ILE A 101 -15.50 -18.02 -4.15
C ILE A 101 -16.31 -18.45 -2.92
N ALA A 102 -17.37 -19.24 -3.12
CA ALA A 102 -18.15 -19.71 -1.96
C ALA A 102 -17.30 -20.61 -1.05
N ALA A 103 -16.51 -21.50 -1.65
CA ALA A 103 -15.70 -22.41 -0.84
C ALA A 103 -14.64 -21.64 -0.04
N ALA A 104 -14.01 -20.63 -0.65
CA ALA A 104 -13.08 -19.80 0.08
C ALA A 104 -13.79 -19.08 1.23
N ALA A 105 -14.96 -18.53 0.95
CA ALA A 105 -15.71 -17.83 1.98
C ALA A 105 -16.04 -18.75 3.15
N ALA A 106 -16.41 -20.00 2.86
CA ALA A 106 -16.70 -20.92 3.97
C ALA A 106 -15.43 -21.25 4.75
N ALA A 107 -14.26 -21.22 4.10
CA ALA A 107 -13.00 -21.53 4.76
C ALA A 107 -12.41 -20.35 5.54
N GLN A 108 -12.93 -19.14 5.33
CA GLN A 108 -12.26 -17.93 5.85
CA GLN A 108 -12.27 -17.93 5.84
C GLN A 108 -12.26 -17.89 7.37
N ARG A 109 -13.39 -18.20 8.00
CA ARG A 109 -13.56 -17.92 9.42
C ARG A 109 -12.50 -18.58 10.30
N THR A 110 -12.43 -19.91 10.28
CA THR A 110 -11.51 -20.59 11.20
C THR A 110 -10.06 -20.29 10.84
N TRP A 111 -9.78 -20.07 9.56
CA TRP A 111 -8.44 -19.66 9.16
C TRP A 111 -8.09 -18.31 9.77
N ARG A 112 -8.98 -17.32 9.60
CA ARG A 112 -8.75 -16.01 10.19
C ARG A 112 -8.57 -16.11 11.69
N GLU A 113 -9.43 -16.89 12.36
CA GLU A 113 -9.40 -16.92 13.82
C GLU A 113 -8.14 -17.55 14.36
N ALA A 114 -7.41 -18.33 13.57
CA ALA A 114 -6.18 -18.92 14.09
C ALA A 114 -5.05 -17.91 14.22
N GLY A 115 -5.14 -16.76 13.54
CA GLY A 115 -4.22 -15.67 13.80
C GLY A 115 -2.86 -15.85 13.16
N PRO A 116 -1.99 -14.84 13.35
CA PRO A 116 -0.73 -14.79 12.60
C PRO A 116 0.18 -16.01 12.77
N SER A 117 0.28 -16.59 13.98
CA SER A 117 1.24 -17.69 14.13
C SER A 117 0.81 -18.89 13.29
N ALA A 118 -0.48 -19.08 13.10
CA ALA A 118 -0.95 -20.13 12.21
C ALA A 118 -0.69 -19.78 10.75
N TRP A 119 -0.95 -18.53 10.35
CA TRP A 119 -0.75 -18.15 8.95
C TRP A 119 0.71 -18.33 8.56
N ILE A 120 1.61 -17.87 9.43
CA ILE A 120 3.05 -17.97 9.14
C ILE A 120 3.50 -19.42 9.24
N GLY A 121 3.09 -20.11 10.31
CA GLY A 121 3.54 -21.49 10.48
C GLY A 121 3.09 -22.39 9.34
N VAL A 122 1.81 -22.29 8.97
CA VAL A 122 1.32 -23.09 7.85
C VAL A 122 2.06 -22.73 6.56
N SER A 123 2.29 -21.44 6.33
CA SER A 123 3.04 -21.04 5.14
C SER A 123 4.43 -21.64 5.13
N LEU A 124 5.13 -21.60 6.25
CA LEU A 124 6.50 -22.11 6.28
C LEU A 124 6.53 -23.62 6.10
N GLU A 125 5.53 -24.31 6.64
CA GLU A 125 5.45 -25.76 6.44
C GLU A 125 5.17 -26.10 4.99
N ILE A 126 4.27 -25.37 4.34
CA ILE A 126 4.03 -25.58 2.92
C ILE A 126 5.33 -25.43 2.14
N LEU A 127 6.10 -24.37 2.44
CA LEU A 127 7.37 -24.14 1.74
C LEU A 127 8.35 -25.29 1.94
N ALA A 128 8.41 -25.84 3.16
CA ALA A 128 9.28 -26.98 3.42
C ALA A 128 8.90 -28.15 2.53
N ARG A 129 7.59 -28.41 2.38
CA ARG A 129 7.15 -29.53 1.55
C ARG A 129 7.33 -29.23 0.07
N LEU A 130 7.16 -27.98 -0.33
CA LEU A 130 7.43 -27.65 -1.72
C LEU A 130 8.89 -27.91 -2.06
N ASN A 131 9.80 -27.55 -1.15
CA ASN A 131 11.22 -27.85 -1.39
C ASN A 131 11.45 -29.35 -1.57
N ARG A 132 10.81 -30.18 -0.73
CA ARG A 132 10.97 -31.63 -0.90
C ARG A 132 10.41 -32.12 -2.23
N ALA A 133 9.45 -31.39 -2.83
CA ALA A 133 8.89 -31.75 -4.12
C ALA A 133 9.59 -31.03 -5.28
N SER A 134 10.80 -30.52 -5.07
CA SER A 134 11.43 -29.64 -6.05
C SER A 134 11.66 -30.36 -7.37
N PHE A 135 12.02 -31.64 -7.33
CA PHE A 135 12.25 -32.37 -8.57
C PHE A 135 10.96 -32.58 -9.35
N GLU A 136 9.88 -32.98 -8.66
CA GLU A 136 8.58 -33.11 -9.33
C GLU A 136 8.14 -31.78 -9.92
N ILE A 137 8.30 -30.70 -9.17
CA ILE A 137 7.95 -29.36 -9.66
C ILE A 137 8.88 -28.94 -10.81
N ALA A 138 10.16 -29.28 -10.74
CA ALA A 138 11.07 -28.91 -11.82
C ALA A 138 10.61 -29.49 -13.15
N TYR A 139 10.28 -30.78 -13.17
CA TYR A 139 9.81 -31.40 -14.42
C TYR A 139 8.52 -30.78 -14.91
N SER A 140 7.61 -30.41 -14.00
CA SER A 140 6.37 -29.80 -14.44
C SER A 140 6.60 -28.42 -15.05
N VAL A 141 7.59 -27.68 -14.53
CA VAL A 141 7.94 -26.39 -15.11
C VAL A 141 8.61 -26.56 -16.47
N MET A 142 9.53 -27.53 -16.57
CA MET A 142 10.22 -27.80 -17.82
C MET A 142 9.24 -28.09 -18.94
N HIS A 143 8.24 -28.95 -18.69
CA HIS A 143 7.34 -29.35 -19.74
C HIS A 143 6.08 -28.50 -19.82
N THR A 144 6.07 -27.33 -19.19
CA THR A 144 5.07 -26.33 -19.55
C THR A 144 5.69 -25.05 -20.06
N THR A 145 6.75 -24.57 -19.41
CA THR A 145 7.38 -23.31 -19.77
C THR A 145 8.47 -23.44 -20.82
N GLY A 146 9.05 -24.63 -20.97
CA GLY A 146 10.16 -24.83 -21.88
C GLY A 146 11.53 -24.55 -21.28
N GLN A 147 11.59 -24.20 -20.00
CA GLN A 147 12.89 -24.00 -19.36
C GLN A 147 13.69 -25.29 -19.35
N ALA A 148 14.98 -25.18 -19.65
CA ALA A 148 15.89 -26.32 -19.50
C ALA A 148 15.90 -26.77 -18.04
N PHE A 149 16.26 -28.04 -17.83
CA PHE A 149 15.99 -28.65 -16.54
C PHE A 149 16.63 -27.87 -15.39
N MET A 150 17.90 -27.49 -15.53
CA MET A 150 18.59 -26.83 -14.42
C MET A 150 17.88 -25.53 -14.03
N MET A 151 17.49 -24.72 -15.01
CA MET A 151 16.74 -23.51 -14.67
C MET A 151 15.34 -23.85 -14.16
N ALA A 152 14.70 -24.86 -14.74
CA ALA A 152 13.39 -25.23 -14.26
C ALA A 152 13.44 -25.62 -12.79
N PHE A 153 14.49 -26.34 -12.39
CA PHE A 153 14.67 -26.69 -10.99
C PHE A 153 14.91 -25.47 -10.12
N GLN A 154 15.92 -24.66 -10.48
CA GLN A 154 16.26 -23.51 -9.64
C GLN A 154 15.15 -22.47 -9.65
N ALA A 155 14.76 -21.99 -10.83
CA ALA A 155 13.74 -20.96 -10.91
C ALA A 155 12.36 -21.47 -10.49
N GLY A 156 12.06 -22.74 -10.77
CA GLY A 156 10.75 -23.24 -10.39
C GLY A 156 10.67 -23.73 -8.96
N GLY A 157 11.81 -24.18 -8.40
CA GLY A 157 11.83 -24.73 -7.07
C GLY A 157 12.49 -23.79 -6.07
N PRO A 158 13.72 -24.11 -5.65
CA PRO A 158 14.38 -23.32 -4.59
C PRO A 158 14.33 -21.80 -4.72
N HIS A 159 14.59 -21.23 -5.91
CA HIS A 159 14.57 -19.77 -6.01
C HIS A 159 13.16 -19.22 -5.84
N ALA A 160 12.15 -19.93 -6.37
CA ALA A 160 10.77 -19.51 -6.13
C ALA A 160 10.41 -19.65 -4.68
N GLN A 161 10.85 -20.75 -4.05
CA GLN A 161 10.63 -20.95 -2.63
C GLN A 161 11.33 -19.87 -1.81
N ASP A 162 12.53 -19.45 -2.23
CA ASP A 162 13.18 -18.28 -1.63
C ASP A 162 12.27 -17.05 -1.66
N ARG A 163 11.69 -16.76 -2.83
CA ARG A 163 10.87 -15.55 -2.97
C ARG A 163 9.57 -15.68 -2.17
N ALA A 164 9.01 -16.90 -2.10
CA ALA A 164 7.87 -17.12 -1.22
C ALA A 164 8.23 -16.85 0.22
N LEU A 165 9.38 -17.39 0.67
CA LEU A 165 9.80 -17.21 2.05
C LEU A 165 10.08 -15.75 2.36
N GLU A 166 10.66 -15.04 1.38
CA GLU A 166 10.85 -13.60 1.50
C GLU A 166 9.53 -12.88 1.75
N ALA A 167 8.49 -13.24 0.98
CA ALA A 167 7.19 -12.62 1.17
C ALA A 167 6.62 -12.91 2.57
N VAL A 168 6.79 -14.14 3.05
CA VAL A 168 6.32 -14.50 4.39
C VAL A 168 7.08 -13.69 5.44
N ALA A 169 8.39 -13.51 5.23
CA ALA A 169 9.20 -12.77 6.20
C ALA A 169 8.77 -11.30 6.28
N TYR A 170 8.53 -10.66 5.13
CA TYR A 170 8.03 -9.29 5.14
C TYR A 170 6.67 -9.20 5.82
N ALA A 171 5.77 -10.14 5.55
CA ALA A 171 4.46 -10.17 6.22
C ALA A 171 4.65 -10.24 7.72
N TRP A 172 5.40 -11.24 8.20
CA TRP A 172 5.65 -11.37 9.64
C TRP A 172 6.32 -10.11 10.19
N ASP A 173 7.22 -9.49 9.42
CA ASP A 173 7.90 -8.28 9.89
C ASP A 173 6.89 -7.18 10.26
N GLN A 174 5.81 -7.04 9.49
CA GLN A 174 4.74 -6.10 9.82
C GLN A 174 3.85 -6.62 10.95
N LEU A 175 3.47 -7.89 10.89
CA LEU A 175 2.51 -8.42 11.86
C LEU A 175 3.09 -8.39 13.28
N ARG A 176 4.38 -8.69 13.43
CA ARG A 176 4.96 -8.76 14.76
C ARG A 176 5.06 -7.41 15.45
N ARG A 177 4.86 -6.30 14.73
CA ARG A 177 4.94 -4.95 15.31
CA ARG A 177 4.96 -4.98 15.36
C ARG A 177 3.65 -4.51 15.96
N ILE A 178 2.60 -5.32 15.93
CA ILE A 178 1.27 -4.94 16.37
C ILE A 178 0.98 -5.70 17.66
N PRO A 179 0.84 -5.02 18.80
CA PRO A 179 0.57 -5.75 20.05
C PRO A 179 -0.82 -6.37 20.03
N ALA A 180 -0.96 -7.49 20.75
CA ALA A 180 -2.27 -8.09 20.91
C ALA A 180 -3.17 -7.21 21.77
N ASP A 181 -2.58 -6.48 22.71
CA ASP A 181 -3.33 -5.58 23.57
C ASP A 181 -2.37 -4.54 24.13
N ALA A 182 -2.95 -3.52 24.76
CA ALA A 182 -2.16 -2.46 25.38
C ALA A 182 -2.94 -1.90 26.55
N HIS A 183 -2.23 -1.53 27.61
CA HIS A 183 -2.81 -0.79 28.72
C HIS A 183 -2.59 0.69 28.46
N TRP A 184 -3.67 1.41 28.22
CA TRP A 184 -3.65 2.83 27.88
C TRP A 184 -4.10 3.60 29.12
N GLU A 185 -3.18 4.35 29.73
CA GLU A 185 -3.49 5.07 30.96
C GLU A 185 -3.02 6.50 30.83
N LYS A 186 -3.96 7.45 30.96
CA LYS A 186 -3.70 8.85 30.71
C LYS A 186 -3.90 9.64 31.99
N PRO A 187 -2.85 10.25 32.53
CA PRO A 187 -2.99 11.01 33.78
C PRO A 187 -3.97 12.17 33.61
N GLN A 188 -4.64 12.50 34.70
CA GLN A 188 -5.62 13.58 34.73
C GLN A 188 -5.26 14.48 35.89
N GLY A 189 -4.99 15.75 35.60
CA GLY A 189 -4.65 16.74 36.61
C GLY A 189 -5.46 16.70 37.89
N LYS A 190 -4.96 15.98 38.90
CA LYS A 190 -5.59 15.87 40.22
C LYS A 190 -6.97 15.21 40.13
N ASN A 191 -7.15 14.29 39.19
CA ASN A 191 -8.36 13.50 39.04
C ASN A 191 -7.92 12.06 38.76
N PRO A 192 -8.80 11.06 38.81
CA PRO A 192 -8.36 9.69 38.52
C PRO A 192 -7.92 9.57 37.07
N PRO A 193 -6.87 8.81 36.79
CA PRO A 193 -6.43 8.67 35.39
C PRO A 193 -7.48 7.95 34.55
N LEU A 194 -7.54 8.33 33.28
CA LEU A 194 -8.26 7.52 32.32
C LEU A 194 -7.45 6.26 32.05
N ALA A 195 -8.06 5.10 32.27
CA ALA A 195 -7.38 3.83 32.06
C ALA A 195 -8.27 2.95 31.21
N MET A 196 -7.73 2.48 30.08
CA MET A 196 -8.47 1.61 29.19
C MET A 196 -7.58 0.46 28.76
N GLN A 197 -8.19 -0.67 28.46
CA GLN A 197 -7.48 -1.74 27.81
C GLN A 197 -7.83 -1.73 26.33
N LYS A 198 -6.80 -1.68 25.48
CA LYS A 198 -6.97 -1.78 24.05
C LYS A 198 -6.72 -3.21 23.62
N ARG A 199 -7.47 -3.66 22.64
CA ARG A 199 -7.27 -4.98 22.05
C ARG A 199 -7.18 -4.80 20.55
N TYR A 200 -6.23 -5.48 19.91
CA TYR A 200 -6.02 -5.33 18.48
C TYR A 200 -6.13 -6.71 17.82
N THR A 201 -7.06 -6.83 16.89
CA THR A 201 -7.29 -8.06 16.16
C THR A 201 -6.81 -7.86 14.73
N ILE A 202 -5.93 -8.75 14.25
CA ILE A 202 -5.47 -8.71 12.87
C ILE A 202 -6.52 -9.37 11.99
N VAL A 203 -7.04 -8.65 11.02
CA VAL A 203 -8.10 -9.12 10.14
C VAL A 203 -7.59 -9.19 8.71
N PRO A 204 -7.62 -10.36 8.07
CA PRO A 204 -7.27 -10.43 6.64
C PRO A 204 -8.27 -9.64 5.81
N ARG A 205 -7.85 -9.28 4.58
CA ARG A 205 -8.77 -8.61 3.67
C ARG A 205 -9.90 -9.54 3.23
N GLY A 206 -9.60 -10.79 2.93
CA GLY A 206 -10.62 -11.68 2.40
C GLY A 206 -10.04 -12.71 1.47
N THR A 207 -10.58 -12.79 0.25
CA THR A 207 -10.10 -13.75 -0.73
C THR A 207 -9.18 -13.05 -1.72
N GLY A 208 -7.98 -13.58 -1.89
CA GLY A 208 -7.04 -13.07 -2.87
C GLY A 208 -7.08 -13.93 -4.12
N LEU A 209 -6.73 -13.32 -5.25
CA LEU A 209 -6.68 -13.97 -6.55
C LEU A 209 -5.25 -13.93 -7.06
N VAL A 210 -4.72 -15.08 -7.47
CA VAL A 210 -3.38 -15.17 -8.05
C VAL A 210 -3.54 -15.54 -9.53
N LEU A 211 -3.13 -14.63 -10.41
CA LEU A 211 -3.26 -14.79 -11.86
C LEU A 211 -1.90 -15.16 -12.41
N GLY A 212 -1.79 -16.39 -12.90
CA GLY A 212 -0.49 -16.97 -13.15
C GLY A 212 0.08 -16.58 -14.50
N CYS A 213 1.39 -16.82 -14.61
CA CYS A 213 2.24 -16.46 -15.73
C CYS A 213 2.69 -17.72 -16.48
N CYS A 214 2.91 -17.62 -17.79
CA CYS A 214 3.22 -18.82 -18.57
C CYS A 214 4.71 -19.18 -18.55
N THR A 215 5.60 -18.26 -18.18
CA THR A 215 7.03 -18.52 -18.19
C THR A 215 7.61 -18.83 -16.80
N PHE A 216 7.18 -18.12 -15.77
CA PHE A 216 7.66 -18.33 -14.41
C PHE A 216 6.48 -18.51 -13.47
N PRO A 217 5.76 -19.64 -13.61
CA PRO A 217 4.52 -19.81 -12.83
C PRO A 217 4.73 -19.77 -11.34
N THR A 218 5.76 -20.47 -10.83
CA THR A 218 5.98 -20.44 -9.39
C THR A 218 6.79 -19.21 -8.96
N TRP A 219 7.83 -18.85 -9.71
CA TRP A 219 8.68 -17.74 -9.28
C TRP A 219 7.89 -16.44 -9.23
N ASN A 220 7.08 -16.17 -10.25
CA ASN A 220 6.21 -15.00 -10.22
C ASN A 220 4.94 -15.23 -9.40
N GLY A 221 4.44 -16.46 -9.34
CA GLY A 221 3.19 -16.70 -8.64
C GLY A 221 3.32 -16.80 -7.13
N TYR A 222 4.42 -17.38 -6.64
CA TYR A 222 4.56 -17.62 -5.21
C TYR A 222 4.52 -16.36 -4.36
N PRO A 223 5.17 -15.23 -4.72
CA PRO A 223 5.16 -14.08 -3.81
C PRO A 223 3.76 -13.61 -3.44
N GLY A 224 2.85 -13.50 -4.42
CA GLY A 224 1.49 -13.10 -4.10
C GLY A 224 0.73 -14.17 -3.32
N LEU A 225 0.89 -15.44 -3.70
CA LEU A 225 0.19 -16.53 -3.03
C LEU A 225 0.53 -16.58 -1.54
N PHE A 226 1.83 -16.52 -1.21
CA PHE A 226 2.26 -16.67 0.16
C PHE A 226 2.17 -15.37 0.95
N ALA A 227 2.27 -14.20 0.30
CA ALA A 227 1.90 -12.97 0.99
C ALA A 227 0.43 -13.00 1.40
N ASP A 228 -0.44 -13.52 0.54
CA ASP A 228 -1.85 -13.67 0.85
C ASP A 228 -2.04 -14.60 2.05
N LEU A 229 -1.43 -15.80 1.99
CA LEU A 229 -1.62 -16.81 3.04
C LEU A 229 -1.04 -16.34 4.37
N ALA A 230 0.16 -15.76 4.34
CA ALA A 230 0.84 -15.31 5.55
C ALA A 230 0.10 -14.17 6.23
N THR A 231 -0.82 -13.50 5.55
CA THR A 231 -1.62 -12.47 6.20
C THR A 231 -3.07 -12.95 6.40
N GLY A 232 -3.31 -14.25 6.34
CA GLY A 232 -4.59 -14.81 6.74
C GLY A 232 -5.67 -14.81 5.68
N ASN A 233 -5.33 -14.47 4.45
CA ASN A 233 -6.34 -14.46 3.41
C ASN A 233 -6.54 -15.87 2.85
N THR A 234 -7.68 -16.08 2.21
CA THR A 234 -7.87 -17.25 1.36
C THR A 234 -7.45 -16.88 -0.06
N VAL A 235 -7.12 -17.90 -0.87
CA VAL A 235 -6.52 -17.66 -2.19
C VAL A 235 -7.17 -18.55 -3.24
N ILE A 236 -7.53 -17.97 -4.38
CA ILE A 236 -7.88 -18.71 -5.59
C ILE A 236 -6.71 -18.54 -6.55
N VAL A 237 -6.10 -19.66 -6.94
CA VAL A 237 -4.95 -19.65 -7.84
C VAL A 237 -5.45 -19.96 -9.24
N LYS A 238 -5.29 -19.00 -10.15
CA LYS A 238 -5.70 -19.13 -11.54
C LYS A 238 -4.46 -19.12 -12.42
N PRO A 239 -3.87 -20.26 -12.74
CA PRO A 239 -2.64 -20.24 -13.53
C PRO A 239 -2.89 -19.84 -14.97
N HIS A 240 -1.83 -19.44 -15.64
CA HIS A 240 -1.90 -19.31 -17.08
C HIS A 240 -2.27 -20.67 -17.69
N PRO A 241 -3.18 -20.71 -18.67
CA PRO A 241 -3.62 -22.02 -19.21
C PRO A 241 -2.50 -22.85 -19.84
N GLY A 242 -1.36 -22.24 -20.13
CA GLY A 242 -0.21 -22.98 -20.65
C GLY A 242 0.74 -23.51 -19.58
N ALA A 243 0.53 -23.18 -18.30
CA ALA A 243 1.43 -23.60 -17.23
C ALA A 243 0.62 -23.80 -15.95
N ILE A 244 -0.26 -24.80 -15.97
CA ILE A 244 -1.10 -25.10 -14.79
C ILE A 244 -0.39 -26.04 -13.82
N LEU A 245 0.20 -27.11 -14.33
CA LEU A 245 0.71 -28.18 -13.49
C LEU A 245 1.60 -27.70 -12.35
N PRO A 246 2.58 -26.81 -12.55
CA PRO A 246 3.39 -26.37 -11.40
C PRO A 246 2.58 -25.76 -10.28
N LEU A 247 1.53 -24.99 -10.59
CA LEU A 247 0.71 -24.43 -9.53
C LEU A 247 -0.33 -25.42 -9.01
N ALA A 248 -0.75 -26.38 -9.85
CA ALA A 248 -1.65 -27.42 -9.34
C ALA A 248 -0.96 -28.27 -8.29
N ILE A 249 0.29 -28.66 -8.55
CA ILE A 249 1.09 -29.36 -7.54
C ILE A 249 1.22 -28.51 -6.28
N THR A 250 1.48 -27.21 -6.46
CA THR A 250 1.61 -26.29 -5.33
C THR A 250 0.32 -26.23 -4.51
N VAL A 251 -0.82 -26.06 -5.17
CA VAL A 251 -2.09 -26.02 -4.46
C VAL A 251 -2.33 -27.32 -3.72
N ARG A 252 -2.06 -28.47 -4.36
CA ARG A 252 -2.24 -29.76 -3.71
CA ARG A 252 -2.26 -29.75 -3.69
C ARG A 252 -1.47 -29.83 -2.40
N ILE A 253 -0.20 -29.42 -2.42
CA ILE A 253 0.63 -29.48 -1.22
C ILE A 253 0.13 -28.50 -0.17
N ALA A 254 -0.27 -27.29 -0.59
CA ALA A 254 -0.84 -26.32 0.35
C ALA A 254 -2.06 -26.89 1.06
N ARG A 255 -2.96 -27.54 0.30
CA ARG A 255 -4.18 -28.10 0.86
C ARG A 255 -3.89 -29.23 1.84
N ASP A 256 -2.87 -30.03 1.54
CA ASP A 256 -2.43 -31.06 2.46
C ASP A 256 -2.08 -30.47 3.82
N VAL A 257 -1.25 -29.43 3.82
CA VAL A 257 -0.80 -28.81 5.07
C VAL A 257 -1.98 -28.21 5.81
N LEU A 258 -2.84 -27.48 5.09
CA LEU A 258 -4.00 -26.86 5.72
C LEU A 258 -4.91 -27.91 6.34
N ARG A 259 -5.17 -28.99 5.61
CA ARG A 259 -6.02 -30.07 6.15
C ARG A 259 -5.39 -30.68 7.40
N GLU A 260 -4.10 -31.00 7.34
CA GLU A 260 -3.43 -31.63 8.47
C GLU A 260 -3.37 -30.70 9.67
N ALA A 261 -3.39 -29.38 9.43
CA ALA A 261 -3.42 -28.40 10.51
C ALA A 261 -4.82 -28.13 11.05
N GLY A 262 -5.84 -28.84 10.57
CA GLY A 262 -7.19 -28.63 11.06
C GLY A 262 -7.94 -27.50 10.38
N PHE A 263 -7.48 -27.04 9.22
CA PHE A 263 -8.18 -26.02 8.47
C PHE A 263 -8.95 -26.60 7.29
N ASP A 264 -9.89 -25.81 6.80
CA ASP A 264 -10.61 -26.14 5.57
C ASP A 264 -9.61 -26.04 4.42
N PRO A 265 -9.31 -27.14 3.70
CA PRO A 265 -8.34 -27.05 2.61
C PRO A 265 -8.74 -26.04 1.54
N ASN A 266 -10.02 -25.67 1.46
CA ASN A 266 -10.43 -24.65 0.50
C ASN A 266 -9.94 -23.25 0.84
N VAL A 267 -9.14 -23.08 1.90
CA VAL A 267 -8.36 -21.85 2.00
C VAL A 267 -7.60 -21.59 0.70
N VAL A 268 -7.15 -22.65 0.01
CA VAL A 268 -6.48 -22.51 -1.28
C VAL A 268 -7.16 -23.42 -2.30
N THR A 269 -7.61 -22.84 -3.43
CA THR A 269 -8.23 -23.59 -4.50
C THR A 269 -7.56 -23.28 -5.83
N LEU A 270 -7.82 -24.14 -6.82
CA LEU A 270 -7.19 -24.05 -8.13
C LEU A 270 -8.27 -23.87 -9.18
N LEU A 271 -8.20 -22.77 -9.93
CA LEU A 271 -9.15 -22.51 -11.00
C LEU A 271 -8.39 -22.72 -12.32
N ALA A 272 -8.38 -23.97 -12.80
CA ALA A 272 -7.78 -24.28 -14.08
C ALA A 272 -8.73 -23.87 -15.19
N THR A 273 -8.16 -23.40 -16.30
CA THR A 273 -8.98 -22.91 -17.41
C THR A 273 -8.40 -23.39 -18.74
N GLU A 274 -9.20 -23.20 -19.78
CA GLU A 274 -8.78 -23.37 -21.16
C GLU A 274 -8.40 -22.01 -21.71
N PRO A 275 -7.62 -21.97 -22.80
CA PRO A 275 -7.20 -20.69 -23.35
C PRO A 275 -8.38 -19.84 -23.82
N ASN A 276 -8.10 -18.53 -23.93
CA ASN A 276 -9.10 -17.49 -24.18
C ASN A 276 -10.03 -17.33 -22.98
N ASP A 277 -9.46 -17.40 -21.77
CA ASP A 277 -10.21 -17.23 -20.55
C ASP A 277 -10.33 -15.76 -20.12
N GLY A 278 -10.04 -14.82 -21.01
CA GLY A 278 -9.96 -13.43 -20.60
C GLY A 278 -11.25 -12.89 -20.00
N ALA A 279 -12.38 -13.19 -20.64
CA ALA A 279 -13.67 -12.72 -20.12
C ALA A 279 -13.99 -13.34 -18.77
N LEU A 280 -13.73 -14.63 -18.60
CA LEU A 280 -13.92 -15.27 -17.31
C LEU A 280 -13.09 -14.58 -16.23
N VAL A 281 -11.84 -14.24 -16.57
CA VAL A 281 -10.95 -13.63 -15.58
C VAL A 281 -11.42 -12.22 -15.24
N GLN A 282 -11.86 -11.46 -16.24
CA GLN A 282 -12.41 -10.13 -15.96
C GLN A 282 -13.58 -10.22 -14.98
N ASP A 283 -14.51 -11.15 -15.23
CA ASP A 283 -15.67 -11.30 -14.35
C ASP A 283 -15.22 -11.67 -12.94
N LEU A 284 -14.28 -12.59 -12.83
CA LEU A 284 -13.75 -12.98 -11.53
C LEU A 284 -13.04 -11.82 -10.84
N ALA A 285 -12.22 -11.08 -11.58
CA ALA A 285 -11.45 -9.99 -10.98
C ALA A 285 -12.34 -8.88 -10.44
N LEU A 286 -13.56 -8.75 -10.95
CA LEU A 286 -14.48 -7.71 -10.50
C LEU A 286 -15.42 -8.17 -9.38
N ARG A 287 -15.35 -9.42 -8.93
CA ARG A 287 -16.28 -9.87 -7.88
C ARG A 287 -16.00 -9.14 -6.58
N PRO A 288 -17.05 -8.73 -5.86
CA PRO A 288 -16.82 -8.01 -4.59
C PRO A 288 -16.06 -8.82 -3.57
N GLU A 289 -16.10 -10.16 -3.66
CA GLU A 289 -15.38 -11.01 -2.72
C GLU A 289 -13.88 -11.01 -2.96
N ILE A 290 -13.43 -10.65 -4.16
CA ILE A 290 -12.00 -10.66 -4.47
C ILE A 290 -11.42 -9.33 -3.96
N LYS A 291 -10.60 -9.40 -2.92
CA LYS A 291 -10.07 -8.21 -2.27
C LYS A 291 -8.61 -7.94 -2.60
N LEU A 292 -7.90 -8.95 -3.09
CA LEU A 292 -6.49 -8.83 -3.45
C LEU A 292 -6.31 -9.52 -4.80
N ILE A 293 -5.49 -8.93 -5.67
CA ILE A 293 -5.16 -9.55 -6.96
C ILE A 293 -3.67 -9.40 -7.18
N ASP A 294 -2.97 -10.52 -7.45
CA ASP A 294 -1.57 -10.51 -7.86
C ASP A 294 -1.47 -11.04 -9.29
N PHE A 295 -0.94 -10.23 -10.20
CA PHE A 295 -0.97 -10.52 -11.63
C PHE A 295 0.42 -10.39 -12.24
N THR A 296 0.76 -11.35 -13.10
CA THR A 296 1.93 -11.27 -13.97
C THR A 296 1.50 -11.48 -15.42
N GLY A 297 1.83 -10.54 -16.29
CA GLY A 297 1.44 -10.70 -17.68
C GLY A 297 1.57 -9.41 -18.47
N SER A 298 0.70 -9.24 -19.45
CA SER A 298 0.80 -8.11 -20.36
C SER A 298 0.50 -6.80 -19.65
N THR A 299 1.06 -5.72 -20.21
CA THR A 299 0.79 -4.38 -19.71
C THR A 299 -0.67 -4.04 -19.82
N GLN A 300 -1.30 -4.43 -20.94
CA GLN A 300 -2.71 -4.11 -21.15
C GLN A 300 -3.61 -4.81 -20.14
N ASN A 301 -3.37 -6.09 -19.91
CA ASN A 301 -4.19 -6.81 -18.91
C ASN A 301 -3.90 -6.31 -17.50
N GLY A 302 -2.63 -6.10 -17.16
CA GLY A 302 -2.29 -5.60 -15.83
C GLY A 302 -2.87 -4.22 -15.57
N THR A 303 -2.79 -3.35 -16.56
CA THR A 303 -3.40 -2.02 -16.48
C THR A 303 -4.92 -2.10 -16.33
N TRP A 304 -5.56 -3.01 -17.06
CA TRP A 304 -7.00 -3.16 -16.92
C TRP A 304 -7.37 -3.47 -15.47
N LEU A 305 -6.65 -4.39 -14.83
CA LEU A 305 -6.94 -4.77 -13.45
C LEU A 305 -6.75 -3.59 -12.48
N GLU A 306 -5.65 -2.86 -12.62
CA GLU A 306 -5.40 -1.73 -11.74
C GLU A 306 -6.53 -0.71 -11.82
N ARG A 307 -7.08 -0.51 -13.01
CA ARG A 307 -8.08 0.53 -13.22
CA ARG A 307 -8.08 0.53 -13.20
C ARG A 307 -9.50 0.07 -12.92
N HIS A 308 -9.80 -1.21 -13.15
CA HIS A 308 -11.20 -1.64 -13.12
C HIS A 308 -11.58 -2.48 -11.92
N ALA A 309 -10.65 -3.23 -11.33
CA ALA A 309 -10.93 -3.98 -10.11
C ALA A 309 -10.73 -3.04 -8.91
N HIS A 310 -11.62 -2.04 -8.85
CA HIS A 310 -11.47 -0.99 -7.86
C HIS A 310 -11.74 -1.48 -6.45
N GLN A 311 -12.38 -2.66 -6.31
CA GLN A 311 -12.66 -3.21 -4.99
C GLN A 311 -11.48 -3.98 -4.41
N ALA A 312 -10.40 -4.18 -5.18
CA ALA A 312 -9.28 -4.98 -4.73
C ALA A 312 -8.02 -4.14 -4.69
N GLN A 313 -7.05 -4.60 -3.89
CA GLN A 313 -5.67 -4.17 -3.99
C GLN A 313 -4.99 -4.99 -5.07
N VAL A 314 -4.46 -4.32 -6.09
CA VAL A 314 -3.94 -4.97 -7.29
C VAL A 314 -2.42 -4.79 -7.34
N TYR A 315 -1.70 -5.91 -7.44
CA TYR A 315 -0.26 -5.92 -7.59
C TYR A 315 0.08 -6.52 -8.94
N THR A 316 0.86 -5.80 -9.75
CA THR A 316 1.05 -6.21 -11.13
C THR A 316 2.53 -6.26 -11.47
N GLU A 317 2.87 -7.25 -12.31
CA GLU A 317 4.11 -7.34 -13.07
C GLU A 317 3.74 -7.32 -14.54
N LYS A 318 4.25 -6.33 -15.27
CA LYS A 318 3.87 -6.11 -16.66
C LYS A 318 5.14 -6.10 -17.54
N ALA A 319 5.00 -5.64 -18.77
CA ALA A 319 6.12 -5.63 -19.70
C ALA A 319 6.94 -4.36 -19.56
N GLY A 320 8.22 -4.47 -19.89
CA GLY A 320 9.06 -3.29 -19.96
C GLY A 320 10.15 -3.50 -20.99
N VAL A 321 11.02 -2.50 -21.12
CA VAL A 321 12.12 -2.50 -22.08
C VAL A 321 13.41 -2.54 -21.29
N ASN A 322 14.05 -3.71 -21.26
CA ASN A 322 15.33 -3.87 -20.55
C ASN A 322 16.47 -3.47 -21.49
N GLN A 323 17.43 -2.73 -20.93
CA GLN A 323 18.38 -1.95 -21.71
C GLN A 323 19.79 -2.16 -21.20
N ILE A 324 20.77 -2.11 -22.13
CA ILE A 324 22.18 -2.11 -21.81
C ILE A 324 22.80 -0.88 -22.45
N VAL A 325 23.58 -0.12 -21.66
CA VAL A 325 24.33 1.03 -22.16
C VAL A 325 25.80 0.63 -22.15
N ILE A 326 26.42 0.61 -23.34
CA ILE A 326 27.83 0.28 -23.48
C ILE A 326 28.60 1.56 -23.76
N ASP A 327 29.44 1.95 -22.81
CA ASP A 327 30.27 3.14 -22.92
C ASP A 327 31.74 2.82 -23.11
N SER A 328 32.26 1.87 -22.34
CA SER A 328 33.67 1.52 -22.32
C SER A 328 33.83 0.27 -21.47
N THR A 329 34.94 -0.45 -21.69
CA THR A 329 35.15 -1.66 -20.92
C THR A 329 36.65 -1.94 -20.84
N ASP A 330 37.04 -2.68 -19.82
CA ASP A 330 38.42 -3.11 -19.65
C ASP A 330 38.67 -4.45 -20.31
N ASP A 331 37.64 -5.08 -20.86
CA ASP A 331 37.76 -6.42 -21.45
C ASP A 331 36.51 -6.63 -22.32
N LEU A 332 36.64 -6.28 -23.60
CA LEU A 332 35.50 -6.37 -24.50
C LEU A 332 35.02 -7.81 -24.66
N LYS A 333 35.95 -8.76 -24.77
CA LYS A 333 35.55 -10.15 -24.95
C LYS A 333 34.76 -10.64 -23.75
N ALA A 334 35.19 -10.28 -22.54
CA ALA A 334 34.47 -10.71 -21.34
C ALA A 334 33.09 -10.05 -21.28
N ALA A 335 33.00 -8.76 -21.60
CA ALA A 335 31.71 -8.08 -21.58
C ALA A 335 30.77 -8.69 -22.63
N ALA A 336 31.29 -8.93 -23.84
CA ALA A 336 30.46 -9.49 -24.91
C ALA A 336 29.95 -10.88 -24.54
N LYS A 337 30.79 -11.71 -23.92
CA LYS A 337 30.34 -13.04 -23.53
C LYS A 337 29.25 -12.96 -22.47
N ASN A 338 29.40 -12.05 -21.50
CA ASN A 338 28.39 -11.91 -20.46
C ASN A 338 27.06 -11.45 -21.06
N ILE A 339 27.11 -10.45 -21.94
CA ILE A 339 25.90 -10.02 -22.62
C ILE A 339 25.29 -11.16 -23.41
N ALA A 340 26.15 -11.95 -24.08
CA ALA A 340 25.67 -13.07 -24.89
C ALA A 340 24.93 -14.10 -24.04
N PHE A 341 25.49 -14.47 -22.88
CA PHE A 341 24.77 -15.36 -21.98
C PHE A 341 23.43 -14.79 -21.61
N SER A 342 23.38 -13.48 -21.37
CA SER A 342 22.14 -12.83 -20.94
C SER A 342 21.09 -12.87 -22.03
N LEU A 343 21.52 -12.84 -23.29
CA LEU A 343 20.60 -12.94 -24.41
C LEU A 343 20.15 -14.37 -24.65
N ALA A 344 21.00 -15.35 -24.34
CA ALA A 344 20.77 -16.74 -24.68
C ALA A 344 19.96 -17.51 -23.63
N LEU A 345 20.08 -17.12 -22.36
CA LEU A 345 19.42 -17.80 -21.24
C LEU A 345 17.92 -17.94 -21.49
N TYR A 346 17.46 -19.18 -21.61
CA TYR A 346 16.03 -19.43 -21.81
C TYR A 346 15.50 -18.68 -23.03
N SER A 347 16.37 -18.47 -24.03
CA SER A 347 15.96 -17.86 -25.30
C SER A 347 15.31 -16.50 -25.10
N GLY A 348 15.87 -15.71 -24.18
CA GLY A 348 15.38 -14.36 -23.92
C GLY A 348 13.98 -14.28 -23.37
N GLN A 349 13.44 -15.38 -22.85
CA GLN A 349 12.09 -15.44 -22.31
C GLN A 349 12.03 -15.13 -20.83
N MET A 350 13.04 -14.45 -20.29
CA MET A 350 13.02 -13.98 -18.92
C MET A 350 12.58 -12.53 -18.91
N CYS A 351 11.76 -12.16 -17.90
CA CYS A 351 11.30 -10.79 -17.82
C CYS A 351 12.44 -9.81 -17.57
N THR A 352 13.60 -10.30 -17.15
CA THR A 352 14.76 -9.48 -16.83
C THR A 352 15.80 -9.45 -17.96
N ALA A 353 15.54 -10.15 -19.07
CA ALA A 353 16.53 -10.27 -20.13
C ALA A 353 16.68 -8.97 -20.90
N PRO A 354 17.89 -8.61 -21.33
CA PRO A 354 18.07 -7.35 -22.07
C PRO A 354 17.49 -7.43 -23.48
N GLN A 355 16.96 -6.31 -23.94
CA GLN A 355 16.51 -6.21 -25.33
C GLN A 355 17.30 -5.18 -26.12
N ASN A 356 17.52 -3.99 -25.57
CA ASN A 356 18.15 -2.88 -26.28
C ASN A 356 19.58 -2.68 -25.78
N ILE A 357 20.53 -2.62 -26.71
CA ILE A 357 21.94 -2.48 -26.39
C ILE A 357 22.45 -1.22 -27.11
N TYR A 358 22.68 -0.16 -26.35
CA TYR A 358 23.07 1.13 -26.93
C TYR A 358 24.58 1.24 -26.98
N VAL A 359 25.11 1.57 -28.16
CA VAL A 359 26.55 1.72 -28.39
C VAL A 359 26.78 3.01 -29.18
N PRO A 360 27.75 3.85 -28.82
CA PRO A 360 27.99 5.06 -29.61
C PRO A 360 28.38 4.68 -31.04
N ARG A 361 27.79 5.40 -32.00
CA ARG A 361 28.10 5.15 -33.41
CA ARG A 361 28.10 5.12 -33.40
C ARG A 361 29.60 5.25 -33.69
N ASP A 362 30.32 6.01 -32.88
CA ASP A 362 31.76 6.19 -33.07
C ASP A 362 32.58 5.19 -32.27
N GLY A 363 31.95 4.22 -31.62
CA GLY A 363 32.72 3.22 -30.92
C GLY A 363 32.95 3.56 -29.46
N ILE A 364 33.85 2.80 -28.83
CA ILE A 364 34.06 2.88 -27.39
C ILE A 364 35.55 2.77 -27.09
N ARG A 365 35.94 3.30 -25.93
CA ARG A 365 37.28 3.05 -25.41
C ARG A 365 37.32 1.68 -24.74
N THR A 366 38.42 0.95 -24.94
CA THR A 366 38.67 -0.27 -24.18
C THR A 366 40.07 -0.20 -23.58
N ALA A 367 40.41 -1.23 -22.81
CA ALA A 367 41.75 -1.32 -22.25
C ALA A 367 42.77 -1.68 -23.31
N ASP A 368 42.34 -2.40 -24.36
CA ASP A 368 43.20 -2.77 -25.47
C ASP A 368 43.11 -1.79 -26.63
N GLY A 369 42.68 -0.56 -26.38
CA GLY A 369 42.53 0.48 -27.38
C GLY A 369 41.08 0.74 -27.76
N HIS A 370 40.91 1.43 -28.90
CA HIS A 370 39.59 1.80 -29.37
C HIS A 370 38.89 0.65 -30.08
N ALA A 371 37.58 0.56 -29.90
CA ALA A 371 36.76 -0.43 -30.61
C ALA A 371 35.62 0.29 -31.32
N SER A 372 35.43 -0.01 -32.60
CA SER A 372 34.37 0.59 -33.38
C SER A 372 33.01 0.02 -33.01
N PHE A 373 31.96 0.71 -33.46
CA PHE A 373 30.61 0.18 -33.29
C PHE A 373 30.51 -1.22 -33.88
N ASP A 374 30.97 -1.40 -35.12
CA ASP A 374 30.81 -2.72 -35.73
C ASP A 374 31.61 -3.78 -34.99
N GLU A 375 32.76 -3.41 -34.42
CA GLU A 375 33.51 -4.38 -33.64
C GLU A 375 32.75 -4.78 -32.37
N VAL A 376 32.10 -3.83 -31.70
CA VAL A 376 31.33 -4.19 -30.51
C VAL A 376 30.16 -5.09 -30.90
N ALA A 377 29.43 -4.70 -31.95
CA ALA A 377 28.28 -5.49 -32.39
C ALA A 377 28.69 -6.90 -32.80
N GLN A 378 29.78 -7.01 -33.56
CA GLN A 378 30.24 -8.32 -33.98
C GLN A 378 30.72 -9.14 -32.79
N ALA A 379 31.32 -8.48 -31.80
CA ALA A 379 31.73 -9.21 -30.60
C ALA A 379 30.53 -9.83 -29.91
N ILE A 380 29.42 -9.10 -29.82
CA ILE A 380 28.21 -9.63 -29.21
C ILE A 380 27.61 -10.73 -30.09
N ALA A 381 27.43 -10.44 -31.38
CA ALA A 381 26.80 -11.42 -32.28
C ALA A 381 27.60 -12.71 -32.31
N GLY A 382 28.93 -12.60 -32.39
CA GLY A 382 29.75 -13.79 -32.48
C GLY A 382 29.75 -14.60 -31.20
N ALA A 383 29.75 -13.94 -30.05
CA ALA A 383 29.68 -14.67 -28.79
C ALA A 383 28.33 -15.38 -28.66
N VAL A 384 27.26 -14.75 -29.16
CA VAL A 384 25.94 -15.39 -29.12
C VAL A 384 25.93 -16.63 -30.01
N GLN A 385 26.47 -16.49 -31.23
CA GLN A 385 26.50 -17.61 -32.16
C GLN A 385 27.26 -18.78 -31.58
N LYS A 386 28.42 -18.52 -30.95
CA LYS A 386 29.21 -19.61 -30.38
C LYS A 386 28.45 -20.33 -29.27
N LEU A 387 27.69 -19.58 -28.46
CA LEU A 387 27.00 -20.16 -27.32
C LEU A 387 25.71 -20.89 -27.68
N THR A 388 25.09 -20.56 -28.82
CA THR A 388 23.74 -21.04 -29.10
C THR A 388 23.61 -21.87 -30.36
N GLY A 389 24.60 -21.86 -31.27
CA GLY A 389 24.37 -22.43 -32.60
C GLY A 389 24.28 -23.95 -32.64
N ASP A 390 24.92 -24.64 -31.68
CA ASP A 390 24.99 -26.10 -31.71
C ASP A 390 23.99 -26.70 -30.75
N PRO A 391 23.08 -27.57 -31.22
CA PRO A 391 22.08 -28.16 -30.29
C PRO A 391 22.68 -28.82 -29.05
N ALA A 392 23.65 -29.72 -29.20
CA ALA A 392 24.16 -30.44 -28.03
C ALA A 392 24.78 -29.47 -27.02
N ARG A 393 25.51 -28.46 -27.50
CA ARG A 393 26.18 -27.52 -26.60
C ARG A 393 25.25 -26.42 -26.09
N SER A 394 24.07 -26.26 -26.68
CA SER A 394 23.23 -25.11 -26.34
C SER A 394 21.93 -25.44 -25.64
N VAL A 395 21.43 -26.68 -25.72
CA VAL A 395 20.05 -26.93 -25.29
C VAL A 395 19.87 -26.67 -23.80
N GLU A 396 20.89 -26.95 -23.00
CA GLU A 396 20.72 -26.70 -21.58
C GLU A 396 20.76 -25.22 -21.25
N LEU A 397 21.27 -24.39 -22.16
CA LEU A 397 21.31 -22.95 -21.97
C LEU A 397 20.06 -22.27 -22.50
N ILE A 398 19.65 -22.57 -23.73
CA ILE A 398 18.57 -21.81 -24.33
C ILE A 398 17.20 -22.40 -24.06
N GLY A 399 17.12 -23.68 -23.68
CA GLY A 399 15.81 -24.24 -23.40
C GLY A 399 14.95 -24.26 -24.66
N ALA A 400 13.64 -24.22 -24.46
CA ALA A 400 12.71 -24.32 -25.56
C ALA A 400 11.83 -23.08 -25.62
N ILE A 401 11.30 -22.82 -26.80
CA ILE A 401 10.42 -21.67 -27.04
C ILE A 401 9.02 -22.01 -26.53
N GLN A 402 8.42 -21.10 -25.75
CA GLN A 402 7.24 -21.48 -24.98
C GLN A 402 6.03 -21.75 -25.87
N ASN A 403 5.87 -21.00 -26.96
CA ASN A 403 4.67 -21.12 -27.78
C ASN A 403 4.99 -20.65 -29.19
N ASP A 404 4.10 -20.98 -30.13
CA ASP A 404 4.33 -20.65 -31.52
C ASP A 404 4.21 -19.15 -31.80
N GLY A 405 3.68 -18.37 -30.86
CA GLY A 405 3.62 -16.93 -31.08
C GLY A 405 4.98 -16.26 -30.98
N VAL A 406 5.90 -16.86 -30.22
CA VAL A 406 7.26 -16.33 -30.16
C VAL A 406 7.96 -16.56 -31.49
N THR A 407 7.75 -17.74 -32.10
CA THR A 407 8.30 -18.03 -33.41
C THR A 407 7.83 -17.01 -34.45
N ALA A 408 6.55 -16.63 -34.39
CA ALA A 408 6.04 -15.63 -35.34
C ALA A 408 6.70 -14.28 -35.15
N ARG A 409 6.94 -13.90 -33.90
CA ARG A 409 7.53 -12.60 -33.62
C ARG A 409 8.99 -12.54 -34.04
N ILE A 410 9.72 -13.65 -33.93
CA ILE A 410 11.09 -13.72 -34.45
C ILE A 410 11.09 -13.38 -35.92
N ASP A 411 10.16 -13.97 -36.68
CA ASP A 411 10.14 -13.69 -38.11
C ASP A 411 9.71 -12.25 -38.40
N ALA A 412 8.79 -11.72 -37.60
CA ALA A 412 8.45 -10.30 -37.76
C ALA A 412 9.67 -9.41 -37.51
N ALA A 413 10.46 -9.74 -36.48
CA ALA A 413 11.62 -8.93 -36.14
C ALA A 413 12.69 -8.97 -37.23
N ARG A 414 12.77 -10.06 -38.00
CA ARG A 414 13.77 -10.16 -39.06
C ARG A 414 13.69 -8.98 -40.04
N ALA A 415 12.48 -8.51 -40.32
CA ALA A 415 12.30 -7.46 -41.32
C ALA A 415 12.66 -6.08 -40.80
N VAL A 416 12.99 -5.94 -39.51
CA VAL A 416 12.96 -4.61 -38.89
C VAL A 416 14.26 -3.83 -39.09
N GLY A 417 15.41 -4.48 -39.12
CA GLY A 417 16.64 -3.75 -39.39
C GLY A 417 17.64 -4.55 -40.20
N ARG A 418 18.92 -4.43 -39.86
CA ARG A 418 19.95 -5.28 -40.44
C ARG A 418 20.22 -6.43 -39.48
N VAL A 419 20.16 -7.66 -40.01
CA VAL A 419 20.37 -8.83 -39.16
C VAL A 419 21.86 -8.99 -38.94
N LEU A 420 22.27 -9.00 -37.67
CA LEU A 420 23.64 -9.30 -37.31
C LEU A 420 23.85 -10.80 -37.09
N LEU A 421 22.86 -11.47 -36.52
CA LEU A 421 22.92 -12.91 -36.32
C LEU A 421 21.52 -13.43 -36.51
N ASP A 422 21.34 -14.33 -37.47
CA ASP A 422 20.01 -14.84 -37.75
C ASP A 422 19.66 -15.94 -36.76
N SER A 423 18.38 -16.03 -36.44
CA SER A 423 17.83 -17.09 -35.60
C SER A 423 17.67 -18.36 -36.42
N GLN A 424 18.13 -19.49 -35.87
CA GLN A 424 18.04 -20.78 -36.52
C GLN A 424 17.18 -21.75 -35.73
N THR A 425 16.62 -22.75 -36.42
CA THR A 425 15.92 -23.84 -35.77
C THR A 425 16.92 -24.96 -35.44
N LEU A 426 16.89 -25.44 -34.20
CA LEU A 426 17.76 -26.53 -33.80
C LEU A 426 16.94 -27.81 -33.61
N GLN A 427 17.56 -28.95 -33.90
CA GLN A 427 16.99 -30.25 -33.60
C GLN A 427 17.54 -30.67 -32.25
N HIS A 428 16.65 -30.74 -31.26
CA HIS A 428 17.06 -31.13 -29.91
C HIS A 428 17.55 -32.57 -29.95
N PRO A 429 18.73 -32.87 -29.41
CA PRO A 429 19.26 -34.24 -29.51
C PRO A 429 18.43 -35.27 -28.76
N ALA A 430 17.66 -34.87 -27.75
CA ALA A 430 16.92 -35.81 -26.92
C ALA A 430 15.40 -35.72 -27.08
N PHE A 431 14.88 -34.64 -27.66
CA PHE A 431 13.45 -34.42 -27.79
C PHE A 431 13.15 -34.08 -29.24
N PRO A 432 12.82 -35.09 -30.06
CA PRO A 432 12.68 -34.88 -31.50
C PRO A 432 11.70 -33.78 -31.89
N ASP A 433 10.68 -33.52 -31.07
CA ASP A 433 9.66 -32.54 -31.42
C ASP A 433 9.77 -31.25 -30.63
N ALA A 434 10.88 -31.03 -29.94
CA ALA A 434 11.04 -29.79 -29.18
C ALA A 434 11.10 -28.58 -30.13
N ARG A 435 10.62 -27.44 -29.62
CA ARG A 435 10.60 -26.15 -30.33
C ARG A 435 11.78 -25.34 -29.82
N VAL A 436 12.86 -25.31 -30.60
CA VAL A 436 14.11 -24.66 -30.17
C VAL A 436 14.52 -23.68 -31.25
N ARG A 437 14.82 -22.44 -30.85
CA ARG A 437 15.24 -21.37 -31.76
C ARG A 437 16.36 -20.56 -31.13
N THR A 438 17.38 -20.22 -31.94
CA THR A 438 18.52 -19.44 -31.45
C THR A 438 18.21 -17.95 -31.51
N PRO A 439 18.98 -17.11 -30.80
CA PRO A 439 18.63 -15.69 -30.74
C PRO A 439 18.81 -14.96 -32.07
N LEU A 440 17.93 -13.98 -32.29
CA LEU A 440 18.01 -13.05 -33.39
C LEU A 440 18.62 -11.74 -32.87
N VAL A 441 19.70 -11.29 -33.51
CA VAL A 441 20.36 -10.05 -33.12
C VAL A 441 20.35 -9.11 -34.31
N LEU A 442 19.83 -7.91 -34.10
CA LEU A 442 19.64 -6.94 -35.17
C LEU A 442 20.43 -5.67 -34.88
N GLN A 443 20.76 -4.94 -35.94
CA GLN A 443 21.37 -3.64 -35.82
C GLN A 443 20.32 -2.58 -36.12
N LEU A 444 20.21 -1.58 -35.24
CA LEU A 444 19.37 -0.41 -35.48
C LEU A 444 20.17 0.87 -35.23
N ASP A 445 19.55 1.98 -35.60
CA ASP A 445 20.02 3.31 -35.27
C ASP A 445 19.06 3.93 -34.26
N VAL A 446 19.54 4.94 -33.53
CA VAL A 446 18.71 5.61 -32.54
C VAL A 446 17.45 6.20 -33.15
N ALA A 447 17.47 6.50 -34.45
CA ALA A 447 16.29 6.98 -35.16
C ALA A 447 15.18 5.93 -35.24
N ASP A 448 15.48 4.65 -35.02
CA ASP A 448 14.50 3.58 -35.09
C ASP A 448 13.75 3.39 -33.77
N ARG A 449 13.50 4.49 -33.05
CA ARG A 449 12.86 4.44 -31.74
C ARG A 449 11.53 3.68 -31.75
N GLU A 450 10.72 3.89 -32.78
CA GLU A 450 9.39 3.28 -32.83
C GLU A 450 9.48 1.77 -32.76
N LYS A 451 10.59 1.20 -33.19
CA LYS A 451 10.76 -0.24 -33.17
C LYS A 451 11.29 -0.76 -31.85
N PHE A 452 12.26 -0.09 -31.23
CA PHE A 452 12.88 -0.69 -30.07
C PHE A 452 12.30 -0.23 -28.75
N THR A 453 11.28 0.63 -28.75
CA THR A 453 10.49 0.87 -27.54
C THR A 453 9.29 -0.06 -27.46
N GLN A 454 9.14 -0.98 -28.39
CA GLN A 454 8.14 -2.02 -28.27
C GLN A 454 8.76 -3.21 -27.57
N GLU A 455 7.92 -4.02 -26.95
CA GLU A 455 8.41 -5.24 -26.34
C GLU A 455 8.35 -6.35 -27.39
N TRP A 456 9.47 -7.06 -27.54
CA TRP A 456 9.57 -8.16 -28.48
C TRP A 456 9.84 -9.40 -27.63
N PHE A 457 8.79 -10.14 -27.29
CA PHE A 457 8.98 -11.25 -26.37
C PHE A 457 9.63 -12.42 -27.11
N GLY A 458 10.72 -12.91 -26.55
CA GLY A 458 11.46 -13.97 -27.18
C GLY A 458 12.91 -13.57 -27.35
N PRO A 459 13.68 -14.39 -28.05
CA PRO A 459 15.14 -14.17 -28.15
C PRO A 459 15.48 -13.16 -29.23
N ILE A 460 15.10 -11.90 -29.00
CA ILE A 460 15.22 -10.83 -30.00
C ILE A 460 15.96 -9.66 -29.35
N SER A 461 16.95 -9.11 -30.04
CA SER A 461 17.65 -7.97 -29.47
C SER A 461 18.15 -7.02 -30.55
N PHE A 462 18.45 -5.79 -30.13
CA PHE A 462 18.87 -4.71 -31.01
C PHE A 462 20.15 -4.09 -30.46
N VAL A 463 21.20 -4.09 -31.28
CA VAL A 463 22.38 -3.27 -31.04
C VAL A 463 22.13 -1.94 -31.76
N ILE A 464 22.06 -0.86 -30.99
CA ILE A 464 21.48 0.41 -31.44
C ILE A 464 22.56 1.48 -31.39
N ALA A 465 22.82 2.10 -32.54
CA ALA A 465 23.85 3.14 -32.62
C ALA A 465 23.27 4.47 -32.15
N THR A 466 23.90 5.06 -31.15
CA THR A 466 23.53 6.35 -30.59
C THR A 466 24.59 7.40 -30.94
N ASP A 467 24.24 8.67 -30.75
CA ASP A 467 25.20 9.76 -30.99
C ASP A 467 26.32 9.75 -29.97
N SER A 468 26.05 9.30 -28.74
CA SER A 468 27.01 9.37 -27.65
C SER A 468 26.45 8.59 -26.48
N THR A 469 27.33 8.32 -25.50
CA THR A 469 26.88 7.73 -24.25
C THR A 469 25.93 8.67 -23.53
N ALA A 470 26.14 9.98 -23.66
CA ALA A 470 25.19 10.95 -23.13
C ALA A 470 23.79 10.68 -23.67
N GLN A 471 23.67 10.45 -24.98
CA GLN A 471 22.36 10.13 -25.54
C GLN A 471 21.88 8.74 -25.10
N SER A 472 22.78 7.75 -25.06
CA SER A 472 22.38 6.42 -24.61
C SER A 472 21.72 6.49 -23.23
N LEU A 473 22.33 7.24 -22.32
CA LEU A 473 21.85 7.28 -20.94
C LEU A 473 20.57 8.09 -20.83
N ASP A 474 20.48 9.20 -21.57
CA ASP A 474 19.25 9.97 -21.56
C ASP A 474 18.10 9.14 -22.13
N LEU A 475 18.37 8.43 -23.23
CA LEU A 475 17.35 7.59 -23.83
C LEU A 475 16.93 6.46 -22.90
N ALA A 476 17.89 5.79 -22.26
CA ALA A 476 17.57 4.64 -21.42
C ALA A 476 16.69 5.04 -20.24
N GLY A 477 17.06 6.14 -19.56
CA GLY A 477 16.24 6.62 -18.46
C GLY A 477 14.85 7.04 -18.90
N GLU A 478 14.76 7.69 -20.07
CA GLU A 478 13.46 8.12 -20.58
C GLU A 478 12.58 6.92 -20.91
N ILE A 479 13.15 5.92 -21.58
CA ILE A 479 12.37 4.77 -22.03
C ILE A 479 11.93 3.93 -20.85
N ALA A 480 12.79 3.77 -19.84
CA ALA A 480 12.40 3.03 -18.64
C ALA A 480 11.24 3.71 -17.94
N ALA A 481 11.28 5.04 -17.81
CA ALA A 481 10.21 5.75 -17.12
C ALA A 481 8.91 5.73 -17.91
N GLU A 482 9.01 5.85 -19.23
CA GLU A 482 7.79 5.91 -20.04
C GLU A 482 7.25 4.52 -20.35
N HIS A 483 8.12 3.58 -20.72
CA HIS A 483 7.62 2.28 -21.15
C HIS A 483 7.80 1.18 -20.10
N GLY A 484 8.46 1.47 -18.99
CA GLY A 484 8.69 0.46 -17.98
C GLY A 484 10.00 -0.28 -18.22
N ALA A 485 10.53 -0.86 -17.14
CA ALA A 485 11.74 -1.65 -17.25
C ALA A 485 11.99 -2.36 -15.93
N LEU A 486 12.52 -3.59 -16.02
CA LEU A 486 12.96 -4.33 -14.84
C LEU A 486 14.46 -4.24 -14.59
N THR A 487 15.29 -4.15 -15.64
CA THR A 487 16.73 -4.07 -15.43
C THR A 487 17.34 -3.05 -16.38
N LEU A 488 18.44 -2.46 -15.90
CA LEU A 488 19.30 -1.58 -16.68
C LEU A 488 20.74 -1.95 -16.37
N SER A 489 21.55 -2.10 -17.41
CA SER A 489 22.93 -2.57 -17.29
C SER A 489 23.86 -1.58 -17.99
N VAL A 490 24.96 -1.22 -17.33
CA VAL A 490 25.88 -0.24 -17.90
C VAL A 490 27.31 -0.79 -17.88
N TYR A 491 28.04 -0.55 -18.96
CA TYR A 491 29.45 -0.89 -19.08
C TYR A 491 30.20 0.41 -19.29
N SER A 492 31.04 0.77 -18.32
CA SER A 492 31.90 1.95 -18.46
C SER A 492 33.07 1.84 -17.49
N THR A 493 34.22 2.31 -17.91
CA THR A 493 35.36 2.47 -17.01
C THR A 493 35.49 3.89 -16.48
N ALA A 494 34.50 4.75 -16.74
CA ALA A 494 34.58 6.16 -16.37
C ALA A 494 33.64 6.42 -15.20
N ASP A 495 34.18 7.00 -14.12
CA ASP A 495 33.39 7.22 -12.91
C ASP A 495 32.23 8.18 -13.17
N ASP A 496 32.44 9.19 -14.02
CA ASP A 496 31.35 10.14 -14.29
C ASP A 496 30.22 9.49 -15.07
N VAL A 497 30.53 8.52 -15.94
CA VAL A 497 29.47 7.79 -16.63
C VAL A 497 28.72 6.88 -15.66
N ILE A 498 29.44 6.19 -14.77
CA ILE A 498 28.75 5.40 -13.76
C ILE A 498 27.83 6.27 -12.93
N ASP A 499 28.27 7.48 -12.59
CA ASP A 499 27.41 8.41 -11.86
C ASP A 499 26.17 8.74 -12.67
N ALA A 500 26.34 9.04 -13.97
CA ALA A 500 25.19 9.32 -14.83
C ALA A 500 24.27 8.11 -14.94
N ALA A 501 24.82 6.90 -14.89
CA ALA A 501 23.95 5.73 -14.97
C ALA A 501 23.11 5.59 -13.70
N HIS A 502 23.65 5.92 -12.52
CA HIS A 502 22.82 5.95 -11.33
CA HIS A 502 22.83 5.96 -11.33
C HIS A 502 21.68 6.94 -11.48
N GLU A 503 21.97 8.11 -12.07
CA GLU A 503 20.93 9.11 -12.29
C GLU A 503 19.86 8.57 -13.24
N ALA A 504 20.28 7.85 -14.28
CA ALA A 504 19.35 7.26 -15.23
C ALA A 504 18.48 6.20 -14.56
N ALA A 505 19.06 5.42 -13.65
CA ALA A 505 18.28 4.40 -12.97
C ALA A 505 17.23 5.02 -12.06
N VAL A 506 17.59 6.10 -11.36
CA VAL A 506 16.64 6.80 -10.51
C VAL A 506 15.52 7.40 -11.34
N ARG A 507 15.88 8.05 -12.45
CA ARG A 507 14.86 8.59 -13.36
C ARG A 507 13.95 7.48 -13.87
N GLY A 508 14.55 6.38 -14.34
CA GLY A 508 13.78 5.29 -14.90
C GLY A 508 13.13 4.36 -13.88
N GLY A 509 13.41 4.55 -12.59
CA GLY A 509 12.93 3.66 -11.55
C GLY A 509 13.27 2.20 -11.80
N VAL A 510 14.53 1.92 -12.10
CA VAL A 510 14.96 0.60 -12.56
C VAL A 510 16.26 0.22 -11.88
N ALA A 511 16.38 -1.04 -11.50
CA ALA A 511 17.59 -1.54 -10.86
C ALA A 511 18.76 -1.54 -11.83
N LEU A 512 19.93 -1.14 -11.33
CA LEU A 512 21.12 -0.94 -12.14
C LEU A 512 22.16 -2.02 -11.87
N SER A 513 22.71 -2.60 -12.94
CA SER A 513 23.86 -3.49 -12.87
C SER A 513 25.04 -2.83 -13.57
N ILE A 514 26.22 -2.92 -12.96
CA ILE A 514 27.41 -2.19 -13.39
C ILE A 514 28.52 -3.17 -13.74
N ASN A 515 29.03 -3.08 -14.97
CA ASN A 515 30.22 -3.81 -15.43
C ASN A 515 30.13 -5.31 -15.15
N LEU A 516 29.02 -5.91 -15.57
CA LEU A 516 28.86 -7.36 -15.45
C LEU A 516 29.72 -8.08 -16.50
N THR A 517 30.93 -8.48 -16.11
CA THR A 517 31.84 -9.18 -17.01
C THR A 517 32.18 -10.59 -16.53
N GLY A 518 31.52 -11.08 -15.48
CA GLY A 518 31.80 -12.41 -14.96
C GLY A 518 30.60 -13.33 -14.92
N GLY A 519 30.39 -13.97 -13.77
CA GLY A 519 29.38 -15.00 -13.63
C GLY A 519 28.02 -14.56 -13.16
N VAL A 520 27.80 -13.27 -12.94
CA VAL A 520 26.49 -12.75 -12.58
C VAL A 520 25.93 -12.02 -13.79
N PHE A 521 24.68 -12.35 -14.14
CA PHE A 521 24.04 -11.80 -15.33
C PHE A 521 22.87 -10.91 -14.94
N VAL A 522 22.63 -9.87 -15.76
CA VAL A 522 21.56 -8.93 -15.46
C VAL A 522 20.23 -9.66 -15.30
N ASN A 523 20.07 -10.83 -15.96
CA ASN A 523 18.84 -11.58 -15.80
C ASN A 523 18.60 -12.03 -14.37
N GLN A 524 19.67 -12.20 -13.59
CA GLN A 524 19.58 -12.88 -12.30
C GLN A 524 19.26 -11.90 -11.17
N SER A 525 18.50 -12.41 -10.19
CA SER A 525 18.27 -11.65 -8.97
C SER A 525 18.11 -12.64 -7.82
N ALA A 526 18.61 -12.23 -6.65
CA ALA A 526 18.59 -13.08 -5.46
C ALA A 526 17.57 -12.53 -4.47
N ALA A 527 16.70 -13.41 -3.98
CA ALA A 527 15.83 -13.05 -2.87
C ALA A 527 16.67 -12.57 -1.68
N PHE A 528 16.07 -11.74 -0.83
CA PHE A 528 16.66 -11.19 0.39
C PHE A 528 17.80 -10.23 0.10
N SER A 529 17.96 -9.78 -1.14
CA SER A 529 18.96 -8.77 -1.44
C SER A 529 18.49 -7.89 -2.61
N ASP A 530 18.07 -8.51 -3.72
CA ASP A 530 17.67 -7.78 -4.92
C ASP A 530 16.16 -7.59 -4.95
N PHE A 531 15.72 -6.33 -4.95
CA PHE A 531 14.33 -6.03 -5.24
C PHE A 531 14.05 -6.32 -6.71
N HIS A 532 13.05 -7.16 -6.98
CA HIS A 532 12.64 -7.46 -8.34
C HIS A 532 11.58 -6.43 -8.75
N GLY A 533 11.93 -5.54 -9.66
CA GLY A 533 11.12 -4.39 -9.98
C GLY A 533 11.12 -3.38 -8.84
N THR A 534 10.78 -2.12 -9.13
CA THR A 534 10.72 -1.10 -8.08
C THR A 534 9.31 -0.73 -7.69
N GLY A 535 8.34 -0.87 -8.61
CA GLY A 535 7.04 -0.27 -8.43
C GLY A 535 6.93 1.18 -8.86
N ALA A 536 8.00 1.76 -9.45
CA ALA A 536 8.01 3.17 -9.83
C ALA A 536 7.78 3.42 -11.32
N ASN A 537 7.91 2.42 -12.18
CA ASN A 537 7.76 2.62 -13.62
C ASN A 537 6.73 1.63 -14.14
N PRO A 538 6.28 1.81 -15.40
CA PRO A 538 5.13 1.01 -15.90
C PRO A 538 5.34 -0.49 -16.01
N ALA A 539 6.51 -1.04 -15.69
CA ALA A 539 6.67 -2.49 -15.77
C ALA A 539 6.06 -3.25 -14.59
N ALA A 540 5.77 -2.55 -13.49
CA ALA A 540 5.22 -3.19 -12.30
C ALA A 540 4.82 -2.11 -11.32
N ASN A 541 3.68 -2.30 -10.63
CA ASN A 541 3.24 -1.34 -9.64
C ASN A 541 3.66 -1.74 -8.22
N ALA A 542 4.47 -2.79 -8.09
CA ALA A 542 4.95 -3.27 -6.79
C ALA A 542 6.33 -3.87 -6.97
N ALA A 543 7.07 -3.94 -5.86
CA ALA A 543 8.36 -4.58 -5.80
C ALA A 543 8.29 -5.91 -5.08
N LEU A 544 9.04 -6.89 -5.57
CA LEU A 544 9.22 -8.19 -4.92
C LEU A 544 10.57 -8.17 -4.19
N ALA A 545 10.55 -8.04 -2.87
CA ALA A 545 9.37 -7.74 -2.07
C ALA A 545 9.78 -6.67 -1.05
N ASP A 546 8.82 -5.89 -0.56
CA ASP A 546 9.09 -4.85 0.42
C ASP A 546 7.87 -4.70 1.33
N ALA A 547 7.93 -3.69 2.21
CA ALA A 547 6.84 -3.48 3.16
C ALA A 547 5.53 -3.18 2.45
N ALA A 548 5.57 -2.34 1.40
CA ALA A 548 4.35 -2.01 0.70
C ALA A 548 3.72 -3.25 0.06
N PHE A 549 4.54 -4.26 -0.24
CA PHE A 549 4.04 -5.46 -0.88
C PHE A 549 3.12 -6.28 0.03
N VAL A 550 3.21 -6.11 1.35
CA VAL A 550 2.41 -6.92 2.29
C VAL A 550 1.58 -6.09 3.27
N ALA A 551 1.93 -4.84 3.56
CA ALA A 551 1.33 -4.14 4.71
C ALA A 551 -0.15 -3.86 4.54
N ASN A 552 -0.66 -3.88 3.32
CA ASN A 552 -2.06 -3.61 3.08
C ASN A 552 -2.91 -4.88 2.99
N ARG A 553 -2.31 -6.07 3.11
CA ARG A 553 -3.07 -7.31 2.92
C ARG A 553 -3.80 -7.76 4.17
N PHE A 554 -3.57 -7.10 5.30
CA PHE A 554 -4.33 -7.32 6.53
C PHE A 554 -4.72 -5.94 7.04
N ARG A 555 -5.71 -5.92 7.93
CA ARG A 555 -6.10 -4.71 8.64
C ARG A 555 -6.12 -5.02 10.13
N VAL A 556 -6.25 -3.98 10.94
CA VAL A 556 -6.31 -4.11 12.40
C VAL A 556 -7.62 -3.52 12.88
N VAL A 557 -8.44 -4.34 13.56
CA VAL A 557 -9.70 -3.91 14.15
C VAL A 557 -9.50 -3.88 15.67
N GLN A 558 -9.64 -2.71 16.26
CA GLN A 558 -9.37 -2.59 17.68
C GLN A 558 -10.65 -2.49 18.48
N SER A 559 -10.51 -2.71 19.79
CA SER A 559 -11.55 -2.44 20.75
C SER A 559 -10.91 -1.81 21.97
N ARG A 560 -11.70 -1.04 22.70
CA ARG A 560 -11.25 -0.43 23.94
C ARG A 560 -12.34 -0.56 25.01
N VAL A 561 -11.92 -0.71 26.26
CA VAL A 561 -12.84 -0.81 27.38
C VAL A 561 -12.15 -0.24 28.62
N HIS A 562 -12.91 0.44 29.48
CA HIS A 562 -12.32 0.94 30.71
C HIS A 562 -11.87 -0.21 31.61
N VAL A 563 -10.78 0.02 32.34
CA VAL A 563 -10.25 -0.92 33.32
C VAL A 563 -9.70 -0.12 34.50
N ALA A 564 -9.23 -0.84 35.52
CA ALA A 564 -8.68 -0.15 36.67
C ALA A 564 -7.28 0.38 36.34
N PRO A 565 -6.91 1.56 36.85
CA PRO A 565 -5.58 2.09 36.60
C PRO A 565 -4.54 1.30 37.38
N LYS A 566 -3.28 1.54 37.04
CA LYS A 566 -2.18 0.86 37.70
C LYS A 566 -1.49 1.80 38.71
N MET B 9 25.87 11.95 5.73
CA MET B 9 25.86 12.30 7.15
C MET B 9 24.45 12.62 7.65
N THR B 10 24.26 12.49 8.96
CA THR B 10 22.95 12.71 9.57
C THR B 10 22.63 14.20 9.65
N HIS B 11 21.46 14.59 9.13
CA HIS B 11 21.06 16.00 9.16
C HIS B 11 20.96 16.49 10.61
N ALA B 12 21.32 17.76 10.81
CA ALA B 12 21.35 18.34 12.15
C ALA B 12 19.98 18.33 12.80
N LEU B 13 18.91 18.54 12.03
CA LEU B 13 17.58 18.54 12.60
C LEU B 13 17.14 17.14 13.02
N PHE B 14 17.68 16.12 12.36
CA PHE B 14 17.41 14.75 12.81
C PHE B 14 18.00 14.54 14.19
N THR B 15 19.28 14.86 14.35
CA THR B 15 19.93 14.71 15.64
C THR B 15 19.26 15.54 16.72
N LYS B 16 18.77 16.73 16.36
CA LYS B 16 18.12 17.60 17.33
C LYS B 16 16.87 16.95 17.90
N HIS B 17 16.11 16.24 17.08
CA HIS B 17 14.83 15.67 17.48
C HIS B 17 14.88 14.14 17.62
N GLU B 18 16.08 13.57 17.72
CA GLU B 18 16.20 12.12 17.71
C GLU B 18 15.53 11.48 18.93
N ASP B 19 15.65 12.11 20.09
CA ASP B 19 15.04 11.53 21.29
C ASP B 19 13.53 11.47 21.15
N THR B 20 12.90 12.55 20.66
CA THR B 20 11.47 12.54 20.42
C THR B 20 11.09 11.47 19.41
N LEU B 21 11.90 11.31 18.37
CA LEU B 21 11.62 10.33 17.34
C LEU B 21 11.69 8.91 17.91
N LYS B 22 12.72 8.63 18.70
CA LYS B 22 12.87 7.31 19.30
C LYS B 22 11.69 6.98 20.21
N ARG B 23 11.23 7.97 20.98
CA ARG B 23 10.09 7.76 21.86
C ARG B 23 8.82 7.49 21.06
N ALA B 24 8.67 8.15 19.90
CA ALA B 24 7.50 7.92 19.06
C ALA B 24 7.51 6.53 18.44
N LEU B 25 8.70 6.06 18.02
CA LEU B 25 8.85 4.69 17.54
C LEU B 25 8.39 3.69 18.59
N ALA B 26 8.83 3.86 19.83
CA ALA B 26 8.39 2.97 20.88
C ALA B 26 6.88 3.08 21.11
N ALA B 27 6.33 4.29 20.93
CA ALA B 27 4.91 4.50 21.21
C ALA B 27 4.03 3.78 20.20
N ILE B 28 4.37 3.83 18.91
CA ILE B 28 3.53 3.18 17.92
C ILE B 28 3.54 1.65 18.07
N GLU B 29 4.59 1.09 18.65
CA GLU B 29 4.63 -0.34 18.86
C GLU B 29 3.97 -0.76 20.17
N SER B 30 4.14 0.00 21.25
CA SER B 30 3.54 -0.43 22.51
C SER B 30 2.07 0.01 22.62
N ARG B 31 1.73 1.20 22.11
CA ARG B 31 0.35 1.66 21.99
C ARG B 31 -0.29 1.95 23.34
N GLY B 32 0.53 2.29 24.34
CA GLY B 32 0.03 2.93 25.53
C GLY B 32 -0.26 4.40 25.29
N TYR B 33 -0.42 5.15 26.38
CA TYR B 33 -0.67 6.57 26.26
C TYR B 33 0.65 7.32 26.11
N TRP B 34 0.73 8.20 25.11
CA TRP B 34 1.89 9.07 24.95
C TRP B 34 1.53 10.21 24.01
N SER B 35 2.05 11.39 24.31
CA SER B 35 1.87 12.60 23.52
C SER B 35 2.99 13.58 23.85
N PRO B 36 3.76 14.03 22.86
CA PRO B 36 4.81 15.02 23.14
C PRO B 36 4.30 16.45 23.16
N PHE B 37 3.04 16.69 22.79
CA PHE B 37 2.48 18.03 22.67
C PHE B 37 1.40 18.22 23.72
N ALA B 38 1.58 19.19 24.60
CA ALA B 38 0.64 19.44 25.68
C ALA B 38 -0.70 19.88 25.12
N GLU B 39 -1.73 19.08 25.37
CA GLU B 39 -3.04 19.37 24.80
C GLU B 39 -3.77 20.48 25.55
N MET B 40 -3.36 20.79 26.81
CA MET B 40 -4.03 21.85 27.53
C MET B 40 -3.41 23.20 27.19
N PRO B 41 -4.23 24.23 26.88
CA PRO B 41 -3.68 25.55 26.56
C PRO B 41 -3.20 26.29 27.80
N SER B 42 -2.27 25.66 28.53
CA SER B 42 -1.85 26.17 29.82
C SER B 42 -0.72 27.19 29.67
N PRO B 43 -0.79 28.28 30.45
CA PRO B 43 0.35 29.23 30.47
C PRO B 43 1.64 28.59 30.96
N LYS B 44 1.54 27.55 31.80
CA LYS B 44 2.76 26.83 32.22
C LYS B 44 3.54 26.35 31.01
N VAL B 45 2.85 25.80 30.01
CA VAL B 45 3.52 25.23 28.85
C VAL B 45 3.74 26.27 27.75
N TYR B 46 2.74 27.11 27.49
CA TYR B 46 2.76 27.99 26.34
C TYR B 46 3.03 29.45 26.68
N GLY B 47 3.37 29.74 27.93
CA GLY B 47 3.66 31.12 28.32
C GLY B 47 2.43 31.86 28.81
N GLU B 48 2.66 32.81 29.72
CA GLU B 48 1.57 33.60 30.28
C GLU B 48 0.86 34.44 29.23
N SER B 49 1.57 34.88 28.19
CA SER B 49 0.96 35.64 27.11
C SER B 49 0.73 34.82 25.86
N GLY B 50 0.78 33.48 25.97
CA GLY B 50 0.57 32.63 24.81
C GLY B 50 -0.77 32.87 24.14
N ASN B 51 -1.84 32.87 24.93
CA ASN B 51 -3.17 33.10 24.36
C ASN B 51 -3.27 34.49 23.72
N ALA B 52 -2.83 35.53 24.45
CA ALA B 52 -2.92 36.89 23.93
C ALA B 52 -2.12 37.07 22.65
N ASP B 53 -0.86 36.62 22.66
CA ASP B 53 -0.04 36.75 21.46
C ASP B 53 -0.62 35.95 20.31
N GLY B 54 -1.14 34.75 20.59
CA GLY B 54 -1.77 33.96 19.55
C GLY B 54 -2.96 34.65 18.93
N GLU B 55 -3.83 35.22 19.78
CA GLU B 55 -5.02 35.88 19.25
C GLU B 55 -4.65 37.10 18.41
N ALA B 56 -3.66 37.88 18.86
CA ALA B 56 -3.22 39.02 18.07
C ALA B 56 -2.63 38.59 16.74
N ALA B 57 -1.89 37.48 16.72
CA ALA B 57 -1.35 36.97 15.46
C ALA B 57 -2.49 36.58 14.51
N PHE B 58 -3.53 35.94 15.04
CA PHE B 58 -4.70 35.61 14.23
C PHE B 58 -5.36 36.86 13.69
N LYS B 59 -5.60 37.85 14.57
CA LYS B 59 -6.27 39.09 14.16
C LYS B 59 -5.48 39.83 13.10
N SER B 60 -4.15 39.71 13.11
CA SER B 60 -3.32 40.41 12.14
C SER B 60 -3.54 39.90 10.71
N HIS B 61 -4.08 38.69 10.54
CA HIS B 61 -4.37 38.20 9.20
C HIS B 61 -5.66 38.76 8.62
N LEU B 62 -6.54 39.33 9.44
CA LEU B 62 -7.86 39.70 8.95
C LEU B 62 -7.81 40.96 8.11
N GLY B 63 -8.60 40.99 7.04
CA GLY B 63 -8.65 42.16 6.17
C GLY B 63 -7.37 42.40 5.38
N LYS B 64 -6.59 41.36 5.12
CA LYS B 64 -5.32 41.54 4.41
C LYS B 64 -5.04 40.34 3.52
N THR B 65 -4.08 40.51 2.64
CA THR B 65 -3.61 39.41 1.82
C THR B 65 -2.55 38.66 2.60
N PHE B 66 -2.74 37.34 2.73
CA PHE B 66 -1.78 36.47 3.40
C PHE B 66 -0.53 36.34 2.53
N GLU B 67 0.64 36.67 3.07
CA GLU B 67 1.85 36.74 2.25
C GLU B 67 2.43 35.34 2.10
N LEU B 68 2.58 34.91 0.85
CA LEU B 68 3.32 33.73 0.48
C LEU B 68 4.26 34.13 -0.64
N ASP B 69 5.50 33.65 -0.59
CA ASP B 69 6.45 33.99 -1.64
C ASP B 69 6.58 32.88 -2.66
N GLN B 70 5.49 32.14 -2.90
CA GLN B 70 5.47 31.12 -3.93
C GLN B 70 5.08 31.76 -5.26
N PRO B 71 5.35 31.11 -6.39
CA PRO B 71 4.96 31.71 -7.67
C PRO B 71 3.46 31.90 -7.71
N ALA B 72 3.03 33.12 -8.04
CA ALA B 72 1.62 33.46 -7.95
C ALA B 72 1.28 34.43 -9.09
N SER B 73 -0.01 34.53 -9.39
CA SER B 73 -0.48 35.23 -10.59
C SER B 73 -0.69 36.73 -10.42
N GLY B 74 -0.62 37.29 -9.22
CA GLY B 74 -0.97 38.68 -9.03
C GLY B 74 -2.43 38.92 -8.69
N GLU B 75 -3.29 37.95 -8.96
CA GLU B 75 -4.66 37.97 -8.46
C GLU B 75 -4.69 37.36 -7.06
N THR B 76 -5.77 37.64 -6.33
CA THR B 76 -5.96 37.03 -5.03
C THR B 76 -7.24 36.21 -5.03
N VAL B 77 -7.40 35.41 -3.99
CA VAL B 77 -8.47 34.43 -3.90
C VAL B 77 -8.81 34.23 -2.44
N GLY B 78 -10.07 33.87 -2.16
CA GLY B 78 -10.43 33.53 -0.80
C GLY B 78 -11.76 34.07 -0.32
N ALA B 79 -12.65 33.20 0.14
CA ALA B 79 -13.97 33.63 0.59
C ALA B 79 -14.34 32.95 1.89
N GLU B 80 -13.39 32.79 2.81
CA GLU B 80 -13.67 32.18 4.10
C GLU B 80 -14.61 33.06 4.92
N ARG B 81 -15.53 32.42 5.63
CA ARG B 81 -16.46 33.06 6.55
C ARG B 81 -16.43 32.36 7.91
N SER B 82 -16.50 33.15 8.97
CA SER B 82 -16.49 32.60 10.33
C SER B 82 -17.88 32.14 10.73
N PRO B 83 -18.05 30.88 11.19
CA PRO B 83 -19.36 30.47 11.73
C PRO B 83 -19.80 31.28 12.94
N TYR B 84 -18.88 31.99 13.60
CA TYR B 84 -19.23 32.85 14.71
C TYR B 84 -19.61 34.25 14.27
N GLY B 85 -19.62 34.52 12.96
CA GLY B 85 -20.07 35.81 12.46
C GLY B 85 -19.03 36.90 12.43
N VAL B 86 -17.77 36.60 12.71
CA VAL B 86 -16.71 37.60 12.63
C VAL B 86 -16.34 37.83 11.17
N ALA B 87 -16.18 39.09 10.79
CA ALA B 87 -15.68 39.40 9.45
C ALA B 87 -14.23 38.93 9.34
N LEU B 88 -13.93 38.15 8.29
CA LEU B 88 -12.57 37.68 8.06
C LEU B 88 -11.86 38.49 6.96
N ASP B 89 -12.42 38.51 5.75
CA ASP B 89 -11.86 39.24 4.61
C ASP B 89 -10.37 38.93 4.43
N ILE B 90 -10.05 37.64 4.47
CA ILE B 90 -8.68 37.18 4.24
C ILE B 90 -8.55 36.85 2.76
N ARG B 91 -7.44 37.28 2.17
CA ARG B 91 -7.14 36.92 0.79
C ARG B 91 -5.79 36.22 0.71
N TYR B 92 -5.65 35.37 -0.30
CA TYR B 92 -4.43 34.63 -0.55
C TYR B 92 -4.00 34.87 -1.99
N PRO B 93 -2.70 34.84 -2.26
CA PRO B 93 -2.24 34.95 -3.66
C PRO B 93 -2.72 33.74 -4.44
N LYS B 94 -3.28 34.01 -5.62
CA LYS B 94 -3.81 32.94 -6.46
C LYS B 94 -2.67 32.37 -7.30
N SER B 95 -2.43 31.07 -7.18
CA SER B 95 -1.42 30.41 -8.00
C SER B 95 -2.09 29.40 -8.91
N THR B 96 -1.52 29.21 -10.05
CA THR B 96 -2.16 28.22 -10.90
C THR B 96 -1.61 26.84 -10.58
N PRO B 97 -2.41 25.81 -10.83
CA PRO B 97 -1.88 24.44 -10.71
C PRO B 97 -0.61 24.24 -11.53
N ASP B 98 -0.59 24.73 -12.78
CA ASP B 98 0.61 24.70 -13.60
C ASP B 98 1.80 25.27 -12.84
N ALA B 99 1.63 26.46 -12.28
CA ALA B 99 2.74 27.12 -11.59
C ALA B 99 3.20 26.32 -10.38
N LEU B 100 2.26 25.75 -9.61
CA LEU B 100 2.69 25.03 -8.41
C LEU B 100 3.31 23.69 -8.76
N ILE B 101 2.81 23.01 -9.80
CA ILE B 101 3.44 21.76 -10.24
C ILE B 101 4.87 22.01 -10.70
N ALA B 102 5.09 23.11 -11.43
CA ALA B 102 6.44 23.47 -11.86
C ALA B 102 7.33 23.79 -10.66
N ALA B 103 6.81 24.57 -9.70
CA ALA B 103 7.61 24.94 -8.55
C ALA B 103 7.96 23.72 -7.70
N ALA B 104 7.01 22.78 -7.54
CA ALA B 104 7.32 21.55 -6.81
C ALA B 104 8.38 20.74 -7.55
N ALA B 105 8.22 20.59 -8.86
CA ALA B 105 9.19 19.81 -9.64
C ALA B 105 10.60 20.39 -9.52
N ALA B 106 10.71 21.73 -9.53
CA ALA B 106 12.02 22.36 -9.39
C ALA B 106 12.60 22.13 -8.00
N ALA B 107 11.74 21.95 -7.00
CA ALA B 107 12.18 21.74 -5.63
C ALA B 107 12.55 20.29 -5.32
N GLN B 108 12.21 19.32 -6.19
CA GLN B 108 12.27 17.91 -5.80
CA GLN B 108 12.26 17.93 -5.76
C GLN B 108 13.70 17.42 -5.63
N ARG B 109 14.61 17.86 -6.50
CA ARG B 109 15.90 17.20 -6.59
C ARG B 109 16.71 17.34 -5.30
N THR B 110 16.98 18.57 -4.86
CA THR B 110 17.83 18.72 -3.69
C THR B 110 17.13 18.20 -2.43
N TRP B 111 15.80 18.26 -2.40
CA TRP B 111 15.07 17.67 -1.28
C TRP B 111 15.30 16.15 -1.25
N ARG B 112 15.09 15.48 -2.39
CA ARG B 112 15.30 14.03 -2.48
C ARG B 112 16.72 13.64 -2.10
N GLU B 113 17.71 14.39 -2.61
CA GLU B 113 19.09 14.01 -2.41
C GLU B 113 19.52 14.11 -0.96
N ALA B 114 18.82 14.90 -0.15
CA ALA B 114 19.22 15.04 1.24
C ALA B 114 18.88 13.80 2.05
N GLY B 115 17.98 12.96 1.57
CA GLY B 115 17.77 11.65 2.16
C GLY B 115 16.90 11.64 3.42
N PRO B 116 16.63 10.44 3.94
CA PRO B 116 15.64 10.31 5.04
C PRO B 116 15.93 11.15 6.27
N SER B 117 17.20 11.29 6.68
CA SER B 117 17.44 12.02 7.93
C SER B 117 17.02 13.47 7.81
N ALA B 118 17.12 14.03 6.60
CA ALA B 118 16.63 15.39 6.35
C ALA B 118 15.10 15.45 6.32
N TRP B 119 14.47 14.49 5.65
CA TRP B 119 13.01 14.50 5.58
C TRP B 119 12.41 14.39 6.98
N ILE B 120 12.95 13.47 7.79
CA ILE B 120 12.45 13.31 9.15
C ILE B 120 12.80 14.51 10.02
N GLY B 121 14.05 14.97 9.93
CA GLY B 121 14.47 16.08 10.77
C GLY B 121 13.69 17.36 10.50
N VAL B 122 13.53 17.71 9.22
CA VAL B 122 12.76 18.88 8.85
C VAL B 122 11.30 18.75 9.31
N SER B 123 10.71 17.57 9.09
CA SER B 123 9.34 17.34 9.52
C SER B 123 9.18 17.58 11.03
N LEU B 124 10.09 17.03 11.82
CA LEU B 124 9.99 17.19 13.27
C LEU B 124 10.25 18.63 13.72
N GLU B 125 11.13 19.34 13.01
CA GLU B 125 11.32 20.75 13.35
C GLU B 125 10.07 21.57 13.05
N ILE B 126 9.43 21.30 11.91
CA ILE B 126 8.16 21.97 11.58
C ILE B 126 7.13 21.71 12.68
N LEU B 127 6.98 20.45 13.09
CA LEU B 127 6.01 20.12 14.14
C LEU B 127 6.30 20.89 15.41
N ALA B 128 7.59 21.03 15.75
CA ALA B 128 7.96 21.81 16.93
C ALA B 128 7.50 23.26 16.78
N ARG B 129 7.66 23.85 15.60
CA ARG B 129 7.25 25.24 15.43
C ARG B 129 5.73 25.37 15.38
N LEU B 130 5.04 24.40 14.77
CA LEU B 130 3.59 24.43 14.76
C LEU B 130 3.02 24.40 16.19
N ASN B 131 3.62 23.58 17.06
CA ASN B 131 3.18 23.58 18.46
C ASN B 131 3.34 24.96 19.08
N ARG B 132 4.45 25.64 18.82
CA ARG B 132 4.64 26.99 19.33
C ARG B 132 3.61 27.97 18.80
N ALA B 133 3.05 27.69 17.63
CA ALA B 133 2.01 28.52 17.04
C ALA B 133 0.60 28.03 17.35
N SER B 134 0.43 27.19 18.40
CA SER B 134 -0.84 26.51 18.61
C SER B 134 -2.00 27.45 18.85
N PHE B 135 -1.77 28.56 19.57
CA PHE B 135 -2.86 29.49 19.83
C PHE B 135 -3.31 30.20 18.57
N GLU B 136 -2.36 30.71 17.77
CA GLU B 136 -2.71 31.35 16.51
C GLU B 136 -3.48 30.39 15.60
N ILE B 137 -3.03 29.14 15.53
CA ILE B 137 -3.74 28.13 14.75
C ILE B 137 -5.10 27.84 15.34
N ALA B 138 -5.21 27.79 16.68
CA ALA B 138 -6.50 27.55 17.33
C ALA B 138 -7.53 28.60 16.96
N TYR B 139 -7.16 29.88 17.03
CA TYR B 139 -8.12 30.91 16.64
C TYR B 139 -8.47 30.79 15.17
N SER B 140 -7.51 30.42 14.32
CA SER B 140 -7.83 30.30 12.91
C SER B 140 -8.74 29.10 12.64
N VAL B 141 -8.60 28.02 13.40
CA VAL B 141 -9.50 26.87 13.25
C VAL B 141 -10.90 27.24 13.75
N MET B 142 -10.97 27.93 14.89
CA MET B 142 -12.26 28.34 15.46
C MET B 142 -13.08 29.18 14.47
N HIS B 143 -12.45 30.16 13.83
CA HIS B 143 -13.18 31.09 12.98
C HIS B 143 -13.20 30.67 11.51
N THR B 144 -12.88 29.42 11.21
CA THR B 144 -13.22 28.83 9.92
C THR B 144 -14.12 27.62 10.06
N THR B 145 -13.87 26.75 11.03
CA THR B 145 -14.64 25.54 11.22
C THR B 145 -15.82 25.72 12.18
N GLY B 146 -15.76 26.70 13.08
CA GLY B 146 -16.77 26.88 14.09
C GLY B 146 -16.57 26.10 15.36
N GLN B 147 -15.47 25.35 15.48
CA GLN B 147 -15.20 24.63 16.72
C GLN B 147 -15.02 25.61 17.87
N ALA B 148 -15.59 25.27 19.03
CA ALA B 148 -15.36 26.05 20.23
C ALA B 148 -13.86 26.07 20.53
N PHE B 149 -13.42 27.11 21.24
CA PHE B 149 -11.99 27.37 21.33
C PHE B 149 -11.21 26.17 21.85
N MET B 150 -11.69 25.56 22.94
CA MET B 150 -10.93 24.48 23.56
C MET B 150 -10.73 23.34 22.58
N MET B 151 -11.79 22.97 21.84
CA MET B 151 -11.63 21.91 20.84
C MET B 151 -10.78 22.39 19.66
N ALA B 152 -10.93 23.65 19.24
CA ALA B 152 -10.13 24.16 18.13
C ALA B 152 -8.65 24.09 18.46
N PHE B 153 -8.30 24.39 19.71
CA PHE B 153 -6.91 24.30 20.16
C PHE B 153 -6.43 22.86 20.13
N GLN B 154 -7.16 21.95 20.76
CA GLN B 154 -6.69 20.56 20.82
C GLN B 154 -6.70 19.92 19.45
N ALA B 155 -7.85 19.92 18.78
CA ALA B 155 -7.96 19.26 17.48
C ALA B 155 -7.14 19.98 16.41
N GLY B 156 -7.04 21.30 16.49
CA GLY B 156 -6.29 22.05 15.50
C GLY B 156 -4.80 22.12 15.78
N GLY B 157 -4.41 22.03 17.06
CA GLY B 157 -3.02 22.15 17.45
C GLY B 157 -2.42 20.83 17.90
N PRO B 158 -2.21 20.68 19.21
CA PRO B 158 -1.53 19.49 19.75
C PRO B 158 -2.01 18.14 19.21
N HIS B 159 -3.32 17.89 19.14
CA HIS B 159 -3.78 16.58 18.68
C HIS B 159 -3.46 16.38 17.20
N ALA B 160 -3.57 17.44 16.40
CA ALA B 160 -3.16 17.35 15.00
C ALA B 160 -1.66 17.14 14.91
N GLN B 161 -0.91 17.84 15.75
CA GLN B 161 0.55 17.66 15.78
C GLN B 161 0.92 16.24 16.20
N ASP B 162 0.19 15.67 17.18
CA ASP B 162 0.38 14.25 17.52
C ASP B 162 0.22 13.36 16.30
N ARG B 163 -0.88 13.52 15.56
CA ARG B 163 -1.13 12.66 14.41
C ARG B 163 -0.09 12.89 13.31
N ALA B 164 0.34 14.13 13.12
CA ALA B 164 1.43 14.39 12.19
C ALA B 164 2.68 13.64 12.62
N LEU B 165 3.04 13.72 13.90
CA LEU B 165 4.25 13.06 14.36
C LEU B 165 4.13 11.54 14.28
N GLU B 166 2.93 11.01 14.53
CA GLU B 166 2.68 9.60 14.34
C GLU B 166 3.00 9.17 12.92
N ALA B 167 2.53 9.94 11.93
CA ALA B 167 2.80 9.59 10.54
C ALA B 167 4.31 9.62 10.25
N VAL B 168 5.02 10.61 10.80
CA VAL B 168 6.46 10.71 10.60
C VAL B 168 7.15 9.51 11.22
N ALA B 169 6.67 9.06 12.38
CA ALA B 169 7.28 7.91 13.02
C ALA B 169 7.08 6.65 12.20
N TYR B 170 5.86 6.44 11.69
CA TYR B 170 5.62 5.31 10.80
C TYR B 170 6.49 5.38 9.55
N ALA B 171 6.61 6.58 8.97
CA ALA B 171 7.52 6.72 7.83
C ALA B 171 8.93 6.28 8.22
N TRP B 172 9.47 6.86 9.28
CA TRP B 172 10.83 6.53 9.71
C TRP B 172 10.96 5.05 10.04
N ASP B 173 9.94 4.46 10.64
CA ASP B 173 9.98 3.03 10.97
C ASP B 173 10.23 2.18 9.72
N GLN B 174 9.67 2.59 8.58
CA GLN B 174 9.90 1.86 7.34
C GLN B 174 11.29 2.18 6.77
N LEU B 175 11.63 3.47 6.72
CA LEU B 175 12.88 3.92 6.11
C LEU B 175 14.09 3.36 6.83
N ARG B 176 14.06 3.30 8.16
CA ARG B 176 15.23 2.89 8.92
C ARG B 176 15.57 1.41 8.73
N ARG B 177 14.68 0.62 8.14
CA ARG B 177 14.93 -0.80 7.97
CA ARG B 177 14.86 -0.81 7.92
C ARG B 177 15.58 -1.13 6.63
N ILE B 178 15.88 -0.11 5.81
CA ILE B 178 16.45 -0.28 4.49
C ILE B 178 17.93 0.13 4.56
N PRO B 179 18.86 -0.80 4.40
CA PRO B 179 20.28 -0.44 4.51
C PRO B 179 20.70 0.42 3.34
N ALA B 180 21.69 1.28 3.59
CA ALA B 180 22.23 2.09 2.51
C ALA B 180 23.02 1.23 1.52
N ASP B 181 23.67 0.16 1.99
CA ASP B 181 24.39 -0.75 1.10
C ASP B 181 24.53 -2.10 1.82
N ALA B 182 25.01 -3.10 1.07
CA ALA B 182 25.16 -4.44 1.62
C ALA B 182 26.25 -5.16 0.85
N HIS B 183 26.99 -6.00 1.56
CA HIS B 183 27.94 -6.92 0.92
C HIS B 183 27.26 -8.26 0.67
N TRP B 184 27.12 -8.61 -0.61
CA TRP B 184 26.45 -9.83 -1.04
C TRP B 184 27.52 -10.80 -1.53
N GLU B 185 27.71 -11.90 -0.80
CA GLU B 185 28.76 -12.86 -1.14
C GLU B 185 28.20 -14.26 -1.14
N LYS B 186 28.27 -14.94 -2.28
CA LYS B 186 27.68 -16.26 -2.45
C LYS B 186 28.78 -17.25 -2.76
N PRO B 187 29.04 -18.22 -1.89
CA PRO B 187 30.10 -19.20 -2.16
C PRO B 187 29.80 -19.99 -3.43
N GLN B 188 30.86 -20.47 -4.07
CA GLN B 188 30.71 -21.24 -5.30
C GLN B 188 31.48 -22.55 -5.22
N GLY B 189 31.39 -23.21 -4.05
CA GLY B 189 31.97 -24.53 -3.80
C GLY B 189 33.34 -24.80 -4.41
N LYS B 190 34.39 -24.31 -3.73
CA LYS B 190 35.79 -24.47 -4.13
C LYS B 190 36.17 -23.54 -5.28
N ASN B 191 35.19 -23.06 -6.02
CA ASN B 191 35.44 -21.94 -6.91
C ASN B 191 35.31 -20.63 -6.12
N PRO B 192 35.99 -19.58 -6.55
CA PRO B 192 35.92 -18.29 -5.83
C PRO B 192 34.48 -17.81 -5.71
N PRO B 193 34.14 -17.20 -4.57
CA PRO B 193 32.76 -16.73 -4.39
C PRO B 193 32.41 -15.58 -5.32
N LEU B 194 31.14 -15.52 -5.70
CA LEU B 194 30.57 -14.31 -6.28
C LEU B 194 30.37 -13.27 -5.17
N ALA B 195 30.96 -12.09 -5.35
CA ALA B 195 30.85 -11.02 -4.37
C ALA B 195 30.47 -9.71 -5.07
N MET B 196 29.42 -9.07 -4.59
CA MET B 196 28.95 -7.82 -5.14
C MET B 196 28.64 -6.85 -4.02
N GLN B 197 28.80 -5.56 -4.29
CA GLN B 197 28.28 -4.55 -3.38
C GLN B 197 26.97 -4.03 -3.93
N LYS B 198 25.94 -4.08 -3.09
CA LYS B 198 24.64 -3.52 -3.40
C LYS B 198 24.56 -2.13 -2.78
N ARG B 199 23.87 -1.25 -3.48
CA ARG B 199 23.62 0.09 -3.00
C ARG B 199 22.13 0.35 -3.18
N TYR B 200 21.51 0.96 -2.17
CA TYR B 200 20.08 1.20 -2.15
C TYR B 200 19.82 2.68 -1.98
N THR B 201 19.07 3.27 -2.91
CA THR B 201 18.69 4.67 -2.88
C THR B 201 17.19 4.80 -2.67
N ILE B 202 16.78 5.56 -1.66
CA ILE B 202 15.36 5.83 -1.43
C ILE B 202 14.92 6.95 -2.36
N VAL B 203 13.91 6.68 -3.19
CA VAL B 203 13.39 7.64 -4.17
C VAL B 203 11.94 7.93 -3.83
N PRO B 204 11.61 9.17 -3.46
CA PRO B 204 10.20 9.53 -3.24
C PRO B 204 9.39 9.40 -4.51
N ARG B 205 8.06 9.29 -4.35
CA ARG B 205 7.23 9.16 -5.54
C ARG B 205 7.28 10.42 -6.41
N GLY B 206 7.26 11.59 -5.78
CA GLY B 206 7.23 12.83 -6.53
C GLY B 206 6.46 13.89 -5.79
N THR B 207 5.44 14.47 -6.42
CA THR B 207 4.63 15.49 -5.77
C THR B 207 3.34 14.87 -5.23
N GLY B 208 3.05 15.13 -3.96
CA GLY B 208 1.81 14.72 -3.35
C GLY B 208 0.84 15.89 -3.30
N LEU B 209 -0.44 15.57 -3.29
CA LEU B 209 -1.51 16.56 -3.22
C LEU B 209 -2.33 16.30 -1.96
N VAL B 210 -2.57 17.34 -1.17
CA VAL B 210 -3.38 17.25 0.04
C VAL B 210 -4.66 18.04 -0.20
N LEU B 211 -5.80 17.34 -0.18
CA LEU B 211 -7.10 17.95 -0.42
C LEU B 211 -7.80 18.06 0.93
N GLY B 212 -7.96 19.31 1.41
CA GLY B 212 -8.26 19.56 2.80
C GLY B 212 -9.72 19.45 3.16
N CYS B 213 -9.97 19.37 4.47
CA CYS B 213 -11.27 19.11 5.08
C CYS B 213 -11.83 20.37 5.73
N CYS B 214 -13.16 20.52 5.71
CA CYS B 214 -13.76 21.75 6.19
C CYS B 214 -13.94 21.81 7.71
N THR B 215 -13.93 20.66 8.39
CA THR B 215 -14.14 20.62 9.84
C THR B 215 -12.85 20.44 10.64
N PHE B 216 -11.94 19.59 10.18
CA PHE B 216 -10.68 19.34 10.86
C PHE B 216 -9.55 19.53 9.86
N PRO B 217 -9.26 20.78 9.50
CA PRO B 217 -8.26 21.02 8.45
C PRO B 217 -6.88 20.49 8.79
N THR B 218 -6.42 20.74 10.01
CA THR B 218 -5.10 20.26 10.40
C THR B 218 -5.15 18.81 10.86
N TRP B 219 -6.16 18.44 11.63
CA TRP B 219 -6.19 17.08 12.18
C TRP B 219 -6.31 16.05 11.08
N ASN B 220 -7.21 16.29 10.11
CA ASN B 220 -7.33 15.41 8.95
C ASN B 220 -6.24 15.69 7.91
N GLY B 221 -5.81 16.94 7.79
CA GLY B 221 -4.88 17.29 6.75
C GLY B 221 -3.44 16.92 7.07
N TYR B 222 -3.07 17.03 8.35
CA TYR B 222 -1.67 16.81 8.73
C TYR B 222 -1.13 15.43 8.43
N PRO B 223 -1.86 14.32 8.68
CA PRO B 223 -1.23 13.01 8.45
C PRO B 223 -0.73 12.82 7.03
N GLY B 224 -1.54 13.17 6.03
CA GLY B 224 -1.07 13.05 4.66
C GLY B 224 0.04 14.03 4.32
N LEU B 225 -0.06 15.27 4.81
CA LEU B 225 0.97 16.26 4.52
C LEU B 225 2.32 15.78 5.06
N PHE B 226 2.36 15.31 6.30
CA PHE B 226 3.64 14.93 6.89
C PHE B 226 4.09 13.52 6.50
N ALA B 227 3.15 12.62 6.18
CA ALA B 227 3.56 11.37 5.55
C ALA B 227 4.27 11.63 4.22
N ASP B 228 3.76 12.59 3.44
CA ASP B 228 4.42 12.98 2.20
C ASP B 228 5.82 13.53 2.47
N LEU B 229 5.93 14.51 3.38
CA LEU B 229 7.22 15.17 3.62
C LEU B 229 8.25 14.21 4.20
N ALA B 230 7.82 13.36 5.15
CA ALA B 230 8.72 12.43 5.81
C ALA B 230 9.27 11.38 4.85
N THR B 231 8.62 11.16 3.70
CA THR B 231 9.13 10.22 2.71
C THR B 231 9.72 10.94 1.49
N GLY B 232 10.06 12.23 1.62
CA GLY B 232 10.85 12.94 0.62
C GLY B 232 10.08 13.53 -0.53
N ASN B 233 8.76 13.48 -0.50
CA ASN B 233 7.95 14.04 -1.57
C ASN B 233 7.80 15.54 -1.39
N THR B 234 7.45 16.22 -2.48
CA THR B 234 6.97 17.59 -2.41
C THR B 234 5.45 17.57 -2.28
N VAL B 235 4.88 18.67 -1.79
CA VAL B 235 3.46 18.70 -1.45
C VAL B 235 2.82 20.00 -1.92
N ILE B 236 1.66 19.87 -2.56
CA ILE B 236 0.76 20.98 -2.82
C ILE B 236 -0.45 20.81 -1.90
N VAL B 237 -0.68 21.78 -1.00
CA VAL B 237 -1.79 21.72 -0.06
C VAL B 237 -2.95 22.55 -0.62
N LYS B 238 -4.06 21.88 -0.93
CA LYS B 238 -5.28 22.52 -1.42
C LYS B 238 -6.33 22.39 -0.33
N PRO B 239 -6.44 23.37 0.57
CA PRO B 239 -7.39 23.23 1.68
C PRO B 239 -8.82 23.35 1.20
N HIS B 240 -9.74 22.91 2.05
CA HIS B 240 -11.14 23.22 1.84
C HIS B 240 -11.28 24.74 1.74
N PRO B 241 -12.04 25.25 0.77
CA PRO B 241 -12.11 26.72 0.60
C PRO B 241 -12.71 27.46 1.78
N GLY B 242 -13.41 26.75 2.68
CA GLY B 242 -13.93 27.38 3.88
C GLY B 242 -13.00 27.37 5.07
N ALA B 243 -11.83 26.73 4.96
CA ALA B 243 -10.87 26.62 6.06
C ALA B 243 -9.47 26.62 5.45
N ILE B 244 -9.09 27.75 4.85
CA ILE B 244 -7.76 27.88 4.25
C ILE B 244 -6.74 28.27 5.31
N LEU B 245 -7.09 29.26 6.14
CA LEU B 245 -6.13 29.88 7.05
C LEU B 245 -5.34 28.89 7.91
N PRO B 246 -5.93 27.87 8.54
CA PRO B 246 -5.10 26.96 9.36
C PRO B 246 -3.98 26.31 8.56
N LEU B 247 -4.26 25.91 7.32
CA LEU B 247 -3.21 25.31 6.49
C LEU B 247 -2.31 26.36 5.83
N ALA B 248 -2.78 27.60 5.64
CA ALA B 248 -1.88 28.64 5.17
C ALA B 248 -0.80 28.95 6.20
N ILE B 249 -1.21 29.08 7.48
CA ILE B 249 -0.25 29.25 8.57
C ILE B 249 0.73 28.07 8.62
N THR B 250 0.20 26.85 8.49
CA THR B 250 1.05 25.66 8.48
C THR B 250 2.07 25.70 7.35
N VAL B 251 1.62 26.01 6.13
CA VAL B 251 2.51 26.09 4.99
C VAL B 251 3.59 27.15 5.22
N ARG B 252 3.21 28.30 5.76
CA ARG B 252 4.20 29.35 6.03
CA ARG B 252 4.17 29.37 6.07
C ARG B 252 5.30 28.85 6.95
N ILE B 253 4.94 28.14 8.02
CA ILE B 253 5.96 27.63 8.95
C ILE B 253 6.79 26.54 8.30
N ALA B 254 6.16 25.64 7.53
CA ALA B 254 6.91 24.62 6.81
C ALA B 254 7.93 25.24 5.87
N ARG B 255 7.55 26.30 5.16
CA ARG B 255 8.46 26.93 4.23
C ARG B 255 9.62 27.60 4.96
N ASP B 256 9.37 28.18 6.15
CA ASP B 256 10.45 28.71 6.97
C ASP B 256 11.50 27.65 7.27
N VAL B 257 11.07 26.48 7.75
CA VAL B 257 12.03 25.45 8.16
C VAL B 257 12.82 24.95 6.95
N LEU B 258 12.13 24.69 5.84
CA LEU B 258 12.80 24.24 4.62
C LEU B 258 13.79 25.27 4.11
N ARG B 259 13.40 26.54 4.09
CA ARG B 259 14.30 27.61 3.66
C ARG B 259 15.53 27.71 4.55
N GLU B 260 15.33 27.66 5.87
CA GLU B 260 16.47 27.72 6.80
C GLU B 260 17.36 26.50 6.67
N ALA B 261 16.80 25.35 6.29
CA ALA B 261 17.59 24.13 6.12
C ALA B 261 18.30 24.07 4.77
N GLY B 262 18.18 25.10 3.94
CA GLY B 262 18.85 25.11 2.65
C GLY B 262 18.11 24.44 1.52
N PHE B 263 16.82 24.20 1.67
CA PHE B 263 16.02 23.62 0.61
C PHE B 263 15.17 24.69 -0.06
N ASP B 264 14.67 24.36 -1.24
CA ASP B 264 13.70 25.21 -1.91
C ASP B 264 12.40 25.23 -1.11
N PRO B 265 11.95 26.38 -0.61
CA PRO B 265 10.69 26.39 0.16
C PRO B 265 9.50 25.87 -0.62
N ASN B 266 9.55 25.88 -1.95
CA ASN B 266 8.44 25.35 -2.74
C ASN B 266 8.34 23.83 -2.66
N VAL B 267 9.14 23.15 -1.83
CA VAL B 267 8.81 21.78 -1.45
C VAL B 267 7.37 21.73 -0.95
N VAL B 268 6.90 22.81 -0.32
CA VAL B 268 5.51 22.90 0.14
C VAL B 268 4.93 24.22 -0.37
N THR B 269 3.82 24.13 -1.09
CA THR B 269 3.09 25.30 -1.58
C THR B 269 1.62 25.18 -1.20
N LEU B 270 0.91 26.30 -1.30
CA LEU B 270 -0.49 26.39 -0.89
C LEU B 270 -1.33 26.81 -2.09
N LEU B 271 -2.32 25.98 -2.44
CA LEU B 271 -3.25 26.28 -3.53
C LEU B 271 -4.58 26.69 -2.91
N ALA B 272 -4.73 27.98 -2.66
CA ALA B 272 -5.99 28.51 -2.15
C ALA B 272 -7.00 28.62 -3.29
N THR B 273 -8.26 28.35 -2.97
CA THR B 273 -9.35 28.35 -3.95
C THR B 273 -10.57 28.95 -3.29
N GLU B 274 -11.56 29.27 -4.10
CA GLU B 274 -12.89 29.64 -3.64
C GLU B 274 -13.87 28.51 -3.95
N PRO B 275 -15.08 28.51 -3.36
CA PRO B 275 -16.02 27.44 -3.64
C PRO B 275 -16.32 27.36 -5.13
N ASN B 276 -16.78 26.19 -5.55
CA ASN B 276 -16.89 25.83 -6.97
C ASN B 276 -15.52 25.67 -7.59
N ASP B 277 -14.58 25.10 -6.82
CA ASP B 277 -13.25 24.76 -7.29
C ASP B 277 -13.21 23.35 -7.88
N GLY B 278 -14.37 22.73 -8.12
CA GLY B 278 -14.39 21.32 -8.47
C GLY B 278 -13.67 21.01 -9.78
N ALA B 279 -13.93 21.79 -10.82
CA ALA B 279 -13.28 21.55 -12.09
C ALA B 279 -11.76 21.70 -11.97
N LEU B 280 -11.32 22.75 -11.25
CA LEU B 280 -9.89 22.93 -11.02
C LEU B 280 -9.29 21.72 -10.34
N VAL B 281 -9.96 21.21 -9.30
CA VAL B 281 -9.38 20.12 -8.53
C VAL B 281 -9.37 18.83 -9.34
N GLN B 282 -10.45 18.56 -10.07
CA GLN B 282 -10.49 17.37 -10.91
C GLN B 282 -9.32 17.35 -11.88
N ASP B 283 -9.09 18.47 -12.55
CA ASP B 283 -7.98 18.55 -13.50
C ASP B 283 -6.64 18.39 -12.79
N LEU B 284 -6.46 19.06 -11.65
CA LEU B 284 -5.21 18.93 -10.89
C LEU B 284 -4.99 17.50 -10.42
N ALA B 285 -6.05 16.86 -9.92
CA ALA B 285 -5.91 15.52 -9.37
C ALA B 285 -5.45 14.51 -10.41
N LEU B 286 -5.68 14.78 -11.70
CA LEU B 286 -5.33 13.86 -12.77
C LEU B 286 -4.00 14.17 -13.43
N ARG B 287 -3.28 15.19 -12.96
CA ARG B 287 -2.05 15.58 -13.62
C ARG B 287 -1.00 14.48 -13.47
N PRO B 288 -0.20 14.21 -14.50
CA PRO B 288 0.79 13.12 -14.39
C PRO B 288 1.82 13.34 -13.28
N GLU B 289 2.08 14.59 -12.91
CA GLU B 289 3.05 14.89 -11.86
C GLU B 289 2.53 14.59 -10.46
N ILE B 290 1.21 14.45 -10.29
CA ILE B 290 0.63 14.20 -8.98
C ILE B 290 0.67 12.70 -8.74
N LYS B 291 1.54 12.26 -7.82
CA LYS B 291 1.74 10.83 -7.61
C LYS B 291 1.07 10.32 -6.34
N LEU B 292 0.72 11.22 -5.42
CA LEU B 292 0.06 10.85 -4.18
C LEU B 292 -1.07 11.84 -3.97
N ILE B 293 -2.20 11.35 -3.48
CA ILE B 293 -3.32 12.22 -3.11
C ILE B 293 -3.85 11.76 -1.76
N ASP B 294 -3.96 12.69 -0.82
CA ASP B 294 -4.62 12.46 0.46
C ASP B 294 -5.85 13.35 0.50
N PHE B 295 -7.02 12.74 0.65
CA PHE B 295 -8.30 13.43 0.53
C PHE B 295 -9.14 13.17 1.76
N THR B 296 -9.76 14.23 2.28
CA THR B 296 -10.79 14.11 3.30
C THR B 296 -12.00 14.86 2.82
N GLY B 297 -13.16 14.19 2.77
CA GLY B 297 -14.36 14.86 2.30
C GLY B 297 -15.48 13.88 2.01
N SER B 298 -16.30 14.25 1.05
CA SER B 298 -17.51 13.49 0.74
C SER B 298 -17.15 12.14 0.14
N THR B 299 -18.07 11.18 0.32
CA THR B 299 -17.91 9.86 -0.27
C THR B 299 -17.86 9.93 -1.79
N GLN B 300 -18.70 10.77 -2.40
CA GLN B 300 -18.76 10.82 -3.86
C GLN B 300 -17.47 11.41 -4.43
N ASN B 301 -16.96 12.49 -3.83
CA ASN B 301 -15.71 13.06 -4.29
C ASN B 301 -14.53 12.13 -4.01
N GLY B 302 -14.51 11.49 -2.85
CA GLY B 302 -13.44 10.57 -2.53
C GLY B 302 -13.40 9.40 -3.50
N THR B 303 -14.56 8.77 -3.73
CA THR B 303 -14.57 7.64 -4.67
CA THR B 303 -14.58 7.65 -4.66
C THR B 303 -14.26 8.09 -6.09
N TRP B 304 -14.69 9.30 -6.47
CA TRP B 304 -14.31 9.81 -7.78
C TRP B 304 -12.79 9.80 -7.94
N LEU B 305 -12.06 10.27 -6.93
CA LEU B 305 -10.60 10.31 -6.98
C LEU B 305 -10.01 8.90 -7.06
N GLU B 306 -10.51 7.99 -6.22
CA GLU B 306 -10.02 6.62 -6.24
C GLU B 306 -10.16 6.00 -7.63
N ARG B 307 -11.28 6.27 -8.30
CA ARG B 307 -11.56 5.63 -9.58
C ARG B 307 -10.94 6.32 -10.78
N HIS B 308 -10.49 7.57 -10.66
CA HIS B 308 -10.03 8.31 -11.83
C HIS B 308 -8.56 8.74 -11.79
N ALA B 309 -7.98 8.97 -10.62
CA ALA B 309 -6.57 9.38 -10.55
C ALA B 309 -5.66 8.14 -10.55
N HIS B 310 -5.66 7.44 -11.70
CA HIS B 310 -4.96 6.18 -11.82
C HIS B 310 -3.45 6.34 -11.71
N GLN B 311 -2.95 7.54 -11.92
CA GLN B 311 -1.52 7.75 -11.86
C GLN B 311 -1.01 7.94 -10.45
N ALA B 312 -1.92 8.05 -9.47
CA ALA B 312 -1.56 8.39 -8.10
C ALA B 312 -1.97 7.30 -7.14
N GLN B 313 -1.28 7.27 -6.01
CA GLN B 313 -1.76 6.55 -4.84
C GLN B 313 -2.75 7.46 -4.12
N VAL B 314 -3.99 7.00 -3.97
CA VAL B 314 -5.05 7.83 -3.42
C VAL B 314 -5.40 7.30 -2.05
N TYR B 315 -5.31 8.17 -1.04
CA TYR B 315 -5.70 7.85 0.33
C TYR B 315 -6.89 8.73 0.68
N THR B 316 -7.98 8.11 1.14
CA THR B 316 -9.23 8.83 1.30
C THR B 316 -9.82 8.63 2.70
N GLU B 317 -10.41 9.70 3.21
CA GLU B 317 -11.28 9.65 4.38
C GLU B 317 -12.62 10.20 3.91
N LYS B 318 -13.66 9.39 4.06
CA LYS B 318 -14.99 9.75 3.54
C LYS B 318 -16.00 9.67 4.68
N ALA B 319 -17.30 9.68 4.36
CA ALA B 319 -18.34 9.61 5.38
C ALA B 319 -18.71 8.16 5.66
N GLY B 320 -19.22 7.91 6.87
CA GLY B 320 -19.72 6.61 7.25
C GLY B 320 -20.88 6.75 8.22
N VAL B 321 -21.38 5.62 8.69
CA VAL B 321 -22.55 5.57 9.57
C VAL B 321 -22.07 5.06 10.93
N ASN B 322 -21.91 5.98 11.87
CA ASN B 322 -21.43 5.62 13.19
C ASN B 322 -22.61 5.22 14.07
N GLN B 323 -22.43 4.14 14.81
CA GLN B 323 -23.53 3.38 15.36
C GLN B 323 -23.26 3.08 16.83
N ILE B 324 -24.34 3.06 17.61
CA ILE B 324 -24.34 2.64 19.00
C ILE B 324 -25.35 1.52 19.16
N VAL B 325 -24.95 0.43 19.81
CA VAL B 325 -25.85 -0.67 20.12
C VAL B 325 -26.06 -0.66 21.63
N ILE B 326 -27.31 -0.45 22.06
CA ILE B 326 -27.66 -0.45 23.48
C ILE B 326 -28.38 -1.75 23.78
N ASP B 327 -27.74 -2.62 24.57
CA ASP B 327 -28.32 -3.90 24.98
C ASP B 327 -28.72 -3.93 26.45
N SER B 328 -27.86 -3.43 27.33
CA SER B 328 -28.06 -3.45 28.78
C SER B 328 -27.02 -2.52 29.40
N THR B 329 -27.28 -2.09 30.64
CA THR B 329 -26.38 -1.14 31.27
C THR B 329 -26.40 -1.28 32.78
N ASP B 330 -25.32 -0.82 33.41
CA ASP B 330 -25.21 -0.77 34.87
C ASP B 330 -25.77 0.51 35.46
N ASP B 331 -26.09 1.49 34.62
CA ASP B 331 -26.55 2.80 35.05
C ASP B 331 -27.04 3.51 33.82
N LEU B 332 -28.35 3.50 33.59
CA LEU B 332 -28.87 4.10 32.36
C LEU B 332 -28.49 5.57 32.26
N LYS B 333 -28.57 6.30 33.38
CA LYS B 333 -28.29 7.75 33.32
C LYS B 333 -26.84 8.02 32.95
N ALA B 334 -25.90 7.22 33.45
CA ALA B 334 -24.49 7.42 33.07
C ALA B 334 -24.27 7.12 31.60
N ALA B 335 -24.86 6.04 31.09
CA ALA B 335 -24.72 5.74 29.66
C ALA B 335 -25.36 6.83 28.83
N ALA B 336 -26.56 7.27 29.22
CA ALA B 336 -27.25 8.32 28.46
C ALA B 336 -26.46 9.63 28.45
N LYS B 337 -25.85 9.99 29.59
CA LYS B 337 -25.08 11.23 29.64
C LYS B 337 -23.88 11.15 28.72
N ASN B 338 -23.18 10.01 28.71
CA ASN B 338 -22.03 9.85 27.84
C ASN B 338 -22.45 9.92 26.37
N ILE B 339 -23.55 9.24 26.02
CA ILE B 339 -24.04 9.32 24.66
C ILE B 339 -24.41 10.75 24.29
N ALA B 340 -25.04 11.47 25.23
CA ALA B 340 -25.48 12.84 24.98
C ALA B 340 -24.30 13.77 24.72
N PHE B 341 -23.22 13.66 25.51
CA PHE B 341 -22.01 14.40 25.23
CA PHE B 341 -21.99 14.39 25.24
C PHE B 341 -21.49 14.10 23.83
N SER B 342 -21.47 12.82 23.45
CA SER B 342 -20.98 12.42 22.14
C SER B 342 -21.80 13.02 21.01
N LEU B 343 -23.11 13.17 21.21
CA LEU B 343 -23.98 13.79 20.21
C LEU B 343 -23.84 15.30 20.16
N ALA B 344 -23.54 15.94 21.30
CA ALA B 344 -23.51 17.39 21.40
C ALA B 344 -22.15 17.98 21.00
N LEU B 345 -21.06 17.25 21.21
CA LEU B 345 -19.72 17.75 20.92
C LEU B 345 -19.62 18.31 19.52
N TYR B 346 -19.36 19.60 19.42
CA TYR B 346 -19.21 20.26 18.11
C TYR B 346 -20.44 19.99 17.23
N SER B 347 -21.61 19.83 17.87
CA SER B 347 -22.89 19.70 17.17
C SER B 347 -22.87 18.52 16.19
N GLY B 348 -22.30 17.40 16.62
CA GLY B 348 -22.26 16.21 15.78
C GLY B 348 -21.46 16.35 14.51
N GLN B 349 -20.63 17.38 14.39
CA GLN B 349 -19.90 17.60 13.15
C GLN B 349 -18.53 16.94 13.14
N MET B 350 -18.33 15.89 13.93
CA MET B 350 -17.10 15.10 13.90
C MET B 350 -17.31 13.83 13.07
N CYS B 351 -16.29 13.44 12.31
CA CYS B 351 -16.44 12.22 11.51
C CYS B 351 -16.63 10.98 12.37
N THR B 352 -16.35 11.06 13.67
CA THR B 352 -16.47 9.94 14.61
C THR B 352 -17.74 10.01 15.45
N ALA B 353 -18.58 11.03 15.25
CA ALA B 353 -19.74 11.20 16.13
C ALA B 353 -20.81 10.15 15.82
N PRO B 354 -21.50 9.64 16.84
CA PRO B 354 -22.54 8.62 16.59
C PRO B 354 -23.75 9.22 15.91
N GLN B 355 -24.39 8.41 15.05
CA GLN B 355 -25.64 8.77 14.41
C GLN B 355 -26.79 7.81 14.73
N ASN B 356 -26.57 6.50 14.63
CA ASN B 356 -27.63 5.51 14.79
C ASN B 356 -27.51 4.86 16.17
N ILE B 357 -28.62 4.83 16.90
CA ILE B 357 -28.63 4.28 18.25
C ILE B 357 -29.69 3.17 18.28
N TYR B 358 -29.24 1.93 18.30
CA TYR B 358 -30.14 0.77 18.22
C TYR B 358 -30.54 0.34 19.63
N VAL B 359 -31.84 0.26 19.87
CA VAL B 359 -32.36 -0.18 21.16
C VAL B 359 -33.45 -1.20 20.89
N PRO B 360 -33.48 -2.35 21.57
CA PRO B 360 -34.55 -3.31 21.31
C PRO B 360 -35.91 -2.68 21.56
N ARG B 361 -36.89 -2.98 20.71
CA ARG B 361 -38.23 -2.45 20.92
C ARG B 361 -38.78 -2.87 22.27
N ASP B 362 -38.35 -4.01 22.81
CA ASP B 362 -38.87 -4.49 24.09
C ASP B 362 -38.08 -3.96 25.28
N GLY B 363 -37.08 -3.11 25.05
CA GLY B 363 -36.32 -2.51 26.14
C GLY B 363 -35.07 -3.27 26.50
N ILE B 364 -34.49 -2.87 27.64
CA ILE B 364 -33.19 -3.37 28.08
C ILE B 364 -33.18 -3.64 29.57
N ARG B 365 -32.26 -4.51 29.99
CA ARG B 365 -31.97 -4.70 31.41
C ARG B 365 -31.06 -3.57 31.89
N THR B 366 -31.33 -3.07 33.10
CA THR B 366 -30.47 -2.09 33.77
C THR B 366 -30.20 -2.57 35.19
N ALA B 367 -29.41 -1.79 35.94
CA ALA B 367 -29.20 -2.13 37.35
C ALA B 367 -30.45 -1.90 38.18
N ASP B 368 -31.26 -0.90 37.80
CA ASP B 368 -32.50 -0.57 38.49
C ASP B 368 -33.70 -1.29 37.91
N GLY B 369 -33.48 -2.41 37.23
CA GLY B 369 -34.55 -3.15 36.61
C GLY B 369 -34.63 -2.91 35.12
N HIS B 370 -35.80 -3.23 34.57
CA HIS B 370 -36.02 -3.10 33.15
C HIS B 370 -36.31 -1.64 32.78
N ALA B 371 -35.88 -1.24 31.58
CA ALA B 371 -36.22 0.06 31.01
C ALA B 371 -36.82 -0.18 29.64
N SER B 372 -37.98 0.42 29.39
CA SER B 372 -38.60 0.26 28.09
C SER B 372 -37.80 1.05 27.04
N PHE B 373 -38.10 0.75 25.77
CA PHE B 373 -37.51 1.54 24.68
C PHE B 373 -37.79 3.01 24.89
N ASP B 374 -39.03 3.35 25.25
CA ASP B 374 -39.41 4.75 25.39
C ASP B 374 -38.64 5.42 26.51
N GLU B 375 -38.35 4.68 27.58
CA GLU B 375 -37.56 5.22 28.68
C GLU B 375 -36.11 5.43 28.26
N VAL B 376 -35.54 4.50 27.48
CA VAL B 376 -34.18 4.70 26.98
C VAL B 376 -34.13 5.92 26.09
N ALA B 377 -35.11 6.06 25.21
CA ALA B 377 -35.15 7.21 24.31
C ALA B 377 -35.25 8.52 25.10
N GLN B 378 -36.12 8.56 26.12
CA GLN B 378 -36.26 9.77 26.91
C GLN B 378 -34.98 10.06 27.71
N ALA B 379 -34.29 9.02 28.18
CA ALA B 379 -33.04 9.25 28.90
C ALA B 379 -31.99 9.92 28.00
N ILE B 380 -31.86 9.46 26.75
CA ILE B 380 -30.90 10.08 25.83
C ILE B 380 -31.35 11.50 25.48
N ALA B 381 -32.59 11.65 25.03
CA ALA B 381 -33.08 12.98 24.61
C ALA B 381 -33.01 13.99 25.76
N GLY B 382 -33.36 13.57 26.97
CA GLY B 382 -33.31 14.49 28.09
C GLY B 382 -31.88 14.88 28.47
N ALA B 383 -30.97 13.92 28.40
CA ALA B 383 -29.56 14.26 28.67
C ALA B 383 -29.00 15.21 27.62
N VAL B 384 -29.42 15.08 26.35
CA VAL B 384 -28.96 16.02 25.34
C VAL B 384 -29.52 17.41 25.63
N GLN B 385 -30.81 17.49 25.93
CA GLN B 385 -31.42 18.76 26.25
C GLN B 385 -30.74 19.43 27.45
N LYS B 386 -30.43 18.66 28.50
CA LYS B 386 -29.77 19.27 29.66
C LYS B 386 -28.39 19.81 29.28
N LEU B 387 -27.68 19.12 28.39
CA LEU B 387 -26.32 19.55 28.05
C LEU B 387 -26.29 20.74 27.08
N THR B 388 -27.35 20.96 26.31
CA THR B 388 -27.26 21.87 25.17
C THR B 388 -28.24 23.03 25.20
N GLY B 389 -29.26 22.98 26.05
CA GLY B 389 -30.36 23.92 25.93
C GLY B 389 -30.04 25.33 26.38
N ASP B 390 -29.08 25.48 27.30
CA ASP B 390 -28.80 26.79 27.91
C ASP B 390 -27.61 27.41 27.21
N PRO B 391 -27.79 28.57 26.54
CA PRO B 391 -26.65 29.17 25.82
C PRO B 391 -25.41 29.36 26.66
N ALA B 392 -25.54 29.94 27.85
CA ALA B 392 -24.35 30.25 28.64
C ALA B 392 -23.56 29.00 28.98
N ARG B 393 -24.24 27.90 29.30
CA ARG B 393 -23.58 26.66 29.71
C ARG B 393 -23.21 25.72 28.56
N SER B 394 -23.71 25.94 27.33
CA SER B 394 -23.52 24.95 26.29
C SER B 394 -22.68 25.39 25.08
N VAL B 395 -22.43 26.70 24.88
CA VAL B 395 -21.76 27.12 23.64
C VAL B 395 -20.35 26.53 23.54
N GLU B 396 -19.67 26.35 24.68
CA GLU B 396 -18.34 25.77 24.63
C GLU B 396 -18.38 24.28 24.33
N LEU B 397 -19.55 23.64 24.46
CA LEU B 397 -19.71 22.23 24.13
C LEU B 397 -20.12 22.05 22.67
N ILE B 398 -21.13 22.79 22.20
CA ILE B 398 -21.66 22.52 20.87
C ILE B 398 -20.98 23.33 19.77
N GLY B 399 -20.30 24.42 20.11
CA GLY B 399 -19.64 25.22 19.08
C GLY B 399 -20.63 25.82 18.11
N ALA B 400 -20.18 26.03 16.88
CA ALA B 400 -20.97 26.66 15.84
C ALA B 400 -21.13 25.71 14.65
N ILE B 401 -22.20 25.92 13.89
CA ILE B 401 -22.50 25.10 12.72
C ILE B 401 -21.66 25.57 11.54
N GLN B 402 -21.02 24.62 10.85
CA GLN B 402 -19.99 24.93 9.85
C GLN B 402 -20.56 25.63 8.62
N ASN B 403 -21.78 25.31 8.19
CA ASN B 403 -22.27 25.92 6.96
C ASN B 403 -23.79 26.01 7.01
N ASP B 404 -24.32 26.88 6.17
CA ASP B 404 -25.75 27.18 6.13
C ASP B 404 -26.57 26.06 5.54
N GLY B 405 -25.95 25.00 5.04
CA GLY B 405 -26.66 23.83 4.57
C GLY B 405 -27.25 22.95 5.66
N VAL B 406 -26.73 23.04 6.89
CA VAL B 406 -27.23 22.19 7.97
C VAL B 406 -28.66 22.55 8.36
N THR B 407 -28.99 23.84 8.39
CA THR B 407 -30.35 24.25 8.73
C THR B 407 -31.38 23.58 7.83
N ALA B 408 -31.09 23.52 6.53
CA ALA B 408 -32.01 22.83 5.61
C ALA B 408 -32.04 21.33 5.88
N ARG B 409 -30.90 20.73 6.22
CA ARG B 409 -30.88 19.29 6.47
C ARG B 409 -31.60 18.98 7.78
N ILE B 410 -31.50 19.87 8.77
CA ILE B 410 -32.25 19.70 10.01
C ILE B 410 -33.74 19.60 9.72
N ASP B 411 -34.25 20.52 8.92
CA ASP B 411 -35.68 20.51 8.62
C ASP B 411 -36.05 19.28 7.79
N ALA B 412 -35.16 18.85 6.89
CA ALA B 412 -35.42 17.61 6.17
C ALA B 412 -35.49 16.42 7.12
N ALA B 413 -34.58 16.37 8.10
CA ALA B 413 -34.53 15.25 9.03
C ALA B 413 -35.76 15.23 9.95
N ARG B 414 -36.34 16.40 10.24
CA ARG B 414 -37.53 16.43 11.10
C ARG B 414 -38.62 15.55 10.53
N ALA B 415 -38.73 15.49 9.20
CA ALA B 415 -39.81 14.76 8.55
C ALA B 415 -39.58 13.26 8.51
N VAL B 416 -38.41 12.80 8.93
CA VAL B 416 -38.01 11.41 8.67
C VAL B 416 -38.55 10.46 9.73
N GLY B 417 -38.68 10.89 10.97
CA GLY B 417 -39.27 9.99 11.92
C GLY B 417 -40.21 10.69 12.86
N ARG B 418 -40.15 10.32 14.13
CA ARG B 418 -40.86 11.01 15.20
C ARG B 418 -39.83 11.83 15.96
N VAL B 419 -40.14 13.10 16.21
CA VAL B 419 -39.20 13.97 16.91
C VAL B 419 -39.22 13.63 18.39
N LEU B 420 -38.05 13.32 18.95
CA LEU B 420 -37.88 13.17 20.38
C LEU B 420 -37.44 14.47 21.03
N LEU B 421 -36.53 15.19 20.37
CA LEU B 421 -36.01 16.45 20.88
C LEU B 421 -35.72 17.35 19.68
N ASP B 422 -36.36 18.51 19.62
CA ASP B 422 -36.21 19.38 18.46
C ASP B 422 -34.89 20.16 18.54
N SER B 423 -34.33 20.42 17.36
CA SER B 423 -33.19 21.33 17.27
C SER B 423 -33.69 22.76 17.30
N GLN B 424 -33.08 23.59 18.15
CA GLN B 424 -33.38 25.03 18.15
C GLN B 424 -32.10 25.83 17.95
N THR B 425 -32.25 27.04 17.42
CA THR B 425 -31.13 27.96 17.30
C THR B 425 -30.96 28.74 18.61
N LEU B 426 -29.70 28.88 19.03
CA LEU B 426 -29.33 29.63 20.22
C LEU B 426 -28.60 30.91 19.84
N GLN B 427 -28.71 31.91 20.70
CA GLN B 427 -27.97 33.15 20.55
C GLN B 427 -26.68 33.02 21.36
N HIS B 428 -25.55 33.01 20.67
CA HIS B 428 -24.28 32.96 21.38
C HIS B 428 -24.12 34.24 22.19
N PRO B 429 -23.75 34.15 23.47
CA PRO B 429 -23.64 35.35 24.30
C PRO B 429 -22.53 36.31 23.86
N ALA B 430 -21.51 35.82 23.16
CA ALA B 430 -20.36 36.64 22.82
C ALA B 430 -20.28 36.97 21.34
N PHE B 431 -21.03 36.27 20.49
CA PHE B 431 -20.99 36.47 19.04
C PHE B 431 -22.43 36.61 18.55
N PRO B 432 -22.93 37.84 18.45
CA PRO B 432 -24.36 38.02 18.12
C PRO B 432 -24.80 37.34 16.83
N ASP B 433 -23.90 37.17 15.86
CA ASP B 433 -24.26 36.60 14.57
C ASP B 433 -23.79 35.16 14.39
N ALA B 434 -23.40 34.49 15.48
CA ALA B 434 -22.93 33.13 15.36
C ALA B 434 -24.07 32.21 14.93
N ARG B 435 -23.70 31.16 14.20
CA ARG B 435 -24.64 30.15 13.70
C ARG B 435 -24.56 28.97 14.67
N VAL B 436 -25.52 28.90 15.60
CA VAL B 436 -25.52 27.94 16.69
C VAL B 436 -26.87 27.25 16.75
N ARG B 437 -26.87 25.91 16.80
CA ARG B 437 -28.11 25.16 16.93
C ARG B 437 -27.91 23.90 17.76
N THR B 438 -28.93 23.55 18.56
CA THR B 438 -28.91 22.37 19.43
C THR B 438 -29.24 21.12 18.63
N PRO B 439 -28.93 19.93 19.17
CA PRO B 439 -29.12 18.69 18.39
C PRO B 439 -30.58 18.29 18.17
N LEU B 440 -30.81 17.66 17.02
CA LEU B 440 -32.09 17.04 16.69
C LEU B 440 -32.00 15.54 16.96
N VAL B 441 -32.92 15.01 17.75
CA VAL B 441 -32.96 13.59 18.09
C VAL B 441 -34.32 13.05 17.65
N LEU B 442 -34.29 12.00 16.83
CA LEU B 442 -35.49 11.44 16.20
C LEU B 442 -35.66 9.97 16.60
N GLN B 443 -36.89 9.49 16.52
CA GLN B 443 -37.20 8.10 16.76
C GLN B 443 -37.52 7.42 15.44
N LEU B 444 -36.89 6.27 15.18
CA LEU B 444 -37.18 5.46 14.00
C LEU B 444 -37.42 4.01 14.39
N ASP B 445 -37.88 3.24 13.42
CA ASP B 445 -37.96 1.79 13.54
C ASP B 445 -36.94 1.16 12.60
N VAL B 446 -36.55 -0.07 12.91
CA VAL B 446 -35.60 -0.78 12.06
C VAL B 446 -36.14 -0.87 10.63
N ALA B 447 -37.46 -0.81 10.45
CA ALA B 447 -38.03 -0.83 9.11
C ALA B 447 -37.65 0.41 8.28
N ASP B 448 -37.19 1.49 8.91
CA ASP B 448 -36.82 2.72 8.21
C ASP B 448 -35.34 2.76 7.81
N ARG B 449 -34.73 1.60 7.54
CA ARG B 449 -33.30 1.58 7.23
C ARG B 449 -32.95 2.47 6.04
N GLU B 450 -33.87 2.65 5.10
CA GLU B 450 -33.58 3.51 3.95
C GLU B 450 -33.19 4.91 4.41
N LYS B 451 -33.67 5.33 5.58
CA LYS B 451 -33.41 6.66 6.10
C LYS B 451 -32.11 6.73 6.87
N PHE B 452 -31.77 5.70 7.64
CA PHE B 452 -30.63 5.79 8.53
C PHE B 452 -29.37 5.09 7.99
N THR B 453 -29.38 4.52 6.79
CA THR B 453 -28.14 4.05 6.19
C THR B 453 -27.45 5.15 5.38
N GLN B 454 -27.99 6.35 5.45
CA GLN B 454 -27.39 7.56 4.90
C GLN B 454 -26.61 8.26 6.01
N GLU B 455 -25.58 9.00 5.63
CA GLU B 455 -24.91 9.88 6.58
C GLU B 455 -25.62 11.24 6.55
N TRP B 456 -25.93 11.76 7.72
CA TRP B 456 -26.60 13.06 7.87
C TRP B 456 -25.62 14.01 8.56
N PHE B 457 -25.05 14.94 7.81
CA PHE B 457 -24.04 15.81 8.39
C PHE B 457 -24.67 16.87 9.27
N GLY B 458 -24.21 16.96 10.53
CA GLY B 458 -24.75 17.89 11.49
C GLY B 458 -25.26 17.17 12.73
N PRO B 459 -25.90 17.89 13.62
CA PRO B 459 -26.35 17.33 14.93
C PRO B 459 -27.67 16.58 14.83
N ILE B 460 -27.63 15.43 14.16
CA ILE B 460 -28.82 14.63 13.84
C ILE B 460 -28.57 13.20 14.31
N SER B 461 -29.52 12.61 15.02
CA SER B 461 -29.34 11.23 15.45
C SER B 461 -30.70 10.53 15.47
N PHE B 462 -30.64 9.20 15.40
CA PHE B 462 -31.84 8.37 15.32
C PHE B 462 -31.79 7.32 16.42
N VAL B 463 -32.79 7.29 17.29
CA VAL B 463 -32.96 6.17 18.21
C VAL B 463 -33.89 5.19 17.53
N ILE B 464 -33.38 3.99 17.25
CA ILE B 464 -33.97 3.06 16.29
C ILE B 464 -34.38 1.80 17.04
N ALA B 465 -35.67 1.46 16.98
CA ALA B 465 -36.19 0.27 17.64
C ALA B 465 -35.94 -0.96 16.78
N THR B 466 -35.25 -1.95 17.34
CA THR B 466 -34.97 -3.20 16.66
C THR B 466 -35.75 -4.34 17.30
N ASP B 467 -35.81 -5.48 16.60
CA ASP B 467 -36.49 -6.64 17.14
C ASP B 467 -35.77 -7.23 18.35
N SER B 468 -34.45 -7.07 18.42
CA SER B 468 -33.61 -7.72 19.43
C SER B 468 -32.21 -7.15 19.33
N THR B 469 -31.39 -7.40 20.35
CA THR B 469 -29.98 -7.03 20.28
C THR B 469 -29.25 -7.80 19.17
N ALA B 470 -29.62 -9.07 18.98
CA ALA B 470 -29.08 -9.85 17.87
C ALA B 470 -29.26 -9.12 16.54
N GLN B 471 -30.45 -8.55 16.32
CA GLN B 471 -30.68 -7.76 15.11
C GLN B 471 -29.88 -6.48 15.11
N SER B 472 -29.78 -5.80 16.27
CA SER B 472 -28.98 -4.59 16.35
C SER B 472 -27.56 -4.86 15.88
N LEU B 473 -26.99 -5.98 16.33
CA LEU B 473 -25.60 -6.30 16.02
C LEU B 473 -25.43 -6.75 14.58
N ASP B 474 -26.39 -7.53 14.06
CA ASP B 474 -26.32 -7.94 12.67
C ASP B 474 -26.39 -6.74 11.75
N LEU B 475 -27.35 -5.85 12.03
CA LEU B 475 -27.52 -4.65 11.23
C LEU B 475 -26.29 -3.74 11.33
N ALA B 476 -25.76 -3.58 12.54
CA ALA B 476 -24.64 -2.67 12.74
C ALA B 476 -23.42 -3.14 11.96
N GLY B 477 -23.10 -4.44 12.06
CA GLY B 477 -21.98 -4.98 11.30
C GLY B 477 -22.20 -4.91 9.81
N GLU B 478 -23.44 -5.18 9.37
CA GLU B 478 -23.77 -5.12 7.95
C GLU B 478 -23.62 -3.70 7.39
N ILE B 479 -24.14 -2.72 8.13
CA ILE B 479 -24.16 -1.35 7.65
C ILE B 479 -22.75 -0.77 7.63
N ALA B 480 -21.95 -1.08 8.66
CA ALA B 480 -20.56 -0.61 8.66
C ALA B 480 -19.79 -1.17 7.47
N ALA B 481 -19.99 -2.46 7.18
CA ALA B 481 -19.26 -3.07 6.08
C ALA B 481 -19.72 -2.53 4.73
N GLU B 482 -21.02 -2.31 4.58
CA GLU B 482 -21.57 -1.91 3.29
C GLU B 482 -21.47 -0.40 3.06
N HIS B 483 -21.81 0.40 4.06
CA HIS B 483 -21.87 1.83 3.88
C HIS B 483 -20.71 2.60 4.51
N GLY B 484 -19.83 1.92 5.26
CA GLY B 484 -18.71 2.55 5.91
C GLY B 484 -19.04 3.02 7.32
N ALA B 485 -18.00 3.13 8.14
CA ALA B 485 -18.13 3.59 9.52
C ALA B 485 -16.74 3.83 10.10
N LEU B 486 -16.63 4.84 10.96
CA LEU B 486 -15.43 5.06 11.73
C LEU B 486 -15.50 4.53 13.16
N THR B 487 -16.66 4.58 13.80
CA THR B 487 -16.77 4.11 15.18
C THR B 487 -18.02 3.25 15.37
N LEU B 488 -17.90 2.32 16.31
CA LEU B 488 -19.00 1.47 16.77
C LEU B 488 -18.90 1.38 18.29
N SER B 489 -20.02 1.60 18.98
CA SER B 489 -20.07 1.64 20.44
C SER B 489 -21.17 0.70 20.94
N VAL B 490 -20.87 -0.08 21.98
CA VAL B 490 -21.82 -1.05 22.51
C VAL B 490 -21.97 -0.87 24.01
N TYR B 491 -23.20 -1.03 24.51
CA TYR B 491 -23.51 -1.03 25.93
C TYR B 491 -24.14 -2.37 26.27
N SER B 492 -23.45 -3.16 27.09
CA SER B 492 -24.00 -4.44 27.54
C SER B 492 -23.29 -4.88 28.81
N THR B 493 -24.06 -5.48 29.73
CA THR B 493 -23.48 -6.16 30.88
C THR B 493 -23.34 -7.67 30.65
N ALA B 494 -23.55 -8.14 29.42
CA ALA B 494 -23.54 -9.56 29.10
C ALA B 494 -22.31 -9.90 28.28
N ASP B 495 -21.53 -10.88 28.75
CA ASP B 495 -20.27 -11.22 28.09
C ASP B 495 -20.51 -11.71 26.67
N ASP B 496 -21.56 -12.49 26.44
CA ASP B 496 -21.79 -13.02 25.10
C ASP B 496 -22.17 -11.93 24.11
N VAL B 497 -22.87 -10.88 24.58
CA VAL B 497 -23.19 -9.76 23.71
C VAL B 497 -21.93 -8.98 23.36
N ILE B 498 -21.07 -8.73 24.35
CA ILE B 498 -19.79 -8.09 24.07
C ILE B 498 -18.98 -8.89 23.07
N ASP B 499 -18.98 -10.22 23.20
CA ASP B 499 -18.28 -11.05 22.22
C ASP B 499 -18.87 -10.88 20.83
N ALA B 500 -20.22 -10.89 20.73
CA ALA B 500 -20.86 -10.68 19.44
C ALA B 500 -20.58 -9.28 18.91
N ALA B 501 -20.40 -8.30 19.78
CA ALA B 501 -20.05 -6.96 19.30
C ALA B 501 -18.67 -6.97 18.67
N HIS B 502 -17.74 -7.75 19.22
CA HIS B 502 -16.43 -7.82 18.57
CA HIS B 502 -16.42 -7.86 18.60
C HIS B 502 -16.54 -8.45 17.20
N GLU B 503 -17.40 -9.48 17.04
CA GLU B 503 -17.60 -10.08 15.73
C GLU B 503 -18.17 -9.07 14.75
N ALA B 504 -19.10 -8.23 15.20
CA ALA B 504 -19.68 -7.20 14.34
C ALA B 504 -18.62 -6.19 13.93
N ALA B 505 -17.74 -5.82 14.86
CA ALA B 505 -16.68 -4.86 14.54
C ALA B 505 -15.71 -5.44 13.52
N VAL B 506 -15.39 -6.73 13.66
CA VAL B 506 -14.54 -7.39 12.66
C VAL B 506 -15.24 -7.43 11.32
N ARG B 507 -16.52 -7.80 11.32
CA ARG B 507 -17.32 -7.78 10.09
C ARG B 507 -17.37 -6.39 9.49
N GLY B 508 -17.62 -5.38 10.32
CA GLY B 508 -17.78 -4.04 9.80
C GLY B 508 -16.49 -3.31 9.53
N GLY B 509 -15.35 -3.89 9.88
CA GLY B 509 -14.07 -3.22 9.80
C GLY B 509 -14.05 -1.88 10.53
N VAL B 510 -14.51 -1.86 11.78
CA VAL B 510 -14.70 -0.61 12.51
C VAL B 510 -14.26 -0.80 13.95
N ALA B 511 -13.59 0.23 14.50
CA ALA B 511 -13.11 0.18 15.87
C ALA B 511 -14.26 0.17 16.87
N LEU B 512 -14.14 -0.67 17.90
CA LEU B 512 -15.21 -0.91 18.88
C LEU B 512 -14.89 -0.22 20.21
N SER B 513 -15.88 0.48 20.77
CA SER B 513 -15.82 0.99 22.13
C SER B 513 -16.86 0.29 23.00
N ILE B 514 -16.49 -0.07 24.23
CA ILE B 514 -17.32 -0.91 25.10
C ILE B 514 -17.67 -0.14 26.37
N ASN B 515 -18.97 -0.03 26.65
CA ASN B 515 -19.52 0.50 27.91
C ASN B 515 -18.89 1.84 28.29
N LEU B 516 -18.89 2.77 27.33
CA LEU B 516 -18.41 4.12 27.61
C LEU B 516 -19.42 4.86 28.47
N THR B 517 -19.22 4.84 29.79
CA THR B 517 -20.10 5.52 30.73
C THR B 517 -19.40 6.61 31.52
N GLY B 518 -18.16 6.94 31.16
CA GLY B 518 -17.42 7.97 31.88
C GLY B 518 -16.94 9.10 31.00
N GLY B 519 -15.66 9.46 31.14
CA GLY B 519 -15.06 10.61 30.51
C GLY B 519 -14.40 10.38 29.16
N VAL B 520 -14.49 9.18 28.60
CA VAL B 520 -14.02 8.87 27.25
C VAL B 520 -15.26 8.71 26.36
N PHE B 521 -15.26 9.42 25.25
CA PHE B 521 -16.41 9.42 24.34
C PHE B 521 -16.00 8.79 23.03
N VAL B 522 -16.94 8.10 22.40
CA VAL B 522 -16.68 7.40 21.15
C VAL B 522 -16.09 8.34 20.10
N ASN B 523 -16.35 9.65 20.19
CA ASN B 523 -15.79 10.63 19.25
C ASN B 523 -14.28 10.73 19.34
N GLN B 524 -13.71 10.41 20.50
CA GLN B 524 -12.31 10.72 20.78
C GLN B 524 -11.41 9.56 20.38
N SER B 525 -10.20 9.90 19.94
CA SER B 525 -9.17 8.91 19.66
C SER B 525 -7.82 9.52 19.99
N ALA B 526 -6.89 8.67 20.44
CA ALA B 526 -5.56 9.10 20.83
C ALA B 526 -4.54 8.60 19.81
N ALA B 527 -3.72 9.52 19.29
CA ALA B 527 -2.59 9.12 18.47
C ALA B 527 -1.71 8.16 19.26
N PHE B 528 -1.00 7.29 18.54
CA PHE B 528 -0.07 6.30 19.11
C PHE B 528 -0.78 5.19 19.87
N SER B 529 -2.10 5.08 19.77
CA SER B 529 -2.82 3.96 20.37
C SER B 529 -4.02 3.58 19.52
N ASP B 530 -4.83 4.56 19.14
CA ASP B 530 -6.06 4.34 18.39
C ASP B 530 -5.83 4.52 16.89
N PHE B 531 -6.07 3.48 16.12
CA PHE B 531 -6.17 3.62 14.68
C PHE B 531 -7.44 4.40 14.35
N HIS B 532 -7.30 5.49 13.60
CA HIS B 532 -8.45 6.26 13.14
C HIS B 532 -8.88 5.71 11.78
N GLY B 533 -10.04 5.05 11.75
CA GLY B 533 -10.44 4.26 10.61
C GLY B 533 -9.60 3.01 10.47
N THR B 534 -10.10 2.00 9.77
CA THR B 534 -9.32 0.79 9.53
C THR B 534 -8.75 0.71 8.13
N GLY B 535 -9.41 1.34 7.17
CA GLY B 535 -9.13 1.10 5.78
C GLY B 535 -9.84 -0.11 5.21
N ALA B 536 -10.71 -0.76 5.97
CA ALA B 536 -11.36 -1.96 5.48
C ALA B 536 -12.76 -1.72 4.95
N ASN B 537 -13.37 -0.58 5.25
CA ASN B 537 -14.75 -0.34 4.86
C ASN B 537 -14.88 0.98 4.11
N PRO B 538 -16.06 1.25 3.51
CA PRO B 538 -16.17 2.43 2.63
C PRO B 538 -15.99 3.79 3.28
N ALA B 539 -15.75 3.89 4.59
CA ALA B 539 -15.55 5.22 5.17
C ALA B 539 -14.14 5.77 4.95
N ALA B 540 -13.18 4.91 4.58
CA ALA B 540 -11.78 5.30 4.37
C ALA B 540 -11.03 4.11 3.82
N ASN B 541 -10.15 4.35 2.85
CA ASN B 541 -9.36 3.28 2.29
C ASN B 541 -7.99 3.15 2.94
N ALA B 542 -7.75 3.87 4.03
CA ALA B 542 -6.49 3.81 4.76
C ALA B 542 -6.78 4.07 6.23
N ALA B 543 -5.86 3.64 7.09
CA ALA B 543 -5.93 3.89 8.51
C ALA B 543 -4.92 4.97 8.89
N LEU B 544 -5.29 5.83 9.83
CA LEU B 544 -4.38 6.83 10.42
C LEU B 544 -3.91 6.31 11.77
N ALA B 545 -2.68 5.81 11.87
CA ALA B 545 -1.76 5.58 10.76
C ALA B 545 -1.15 4.20 10.98
N ASP B 546 -0.71 3.56 9.90
CA ASP B 546 -0.08 2.25 10.01
C ASP B 546 1.01 2.16 8.95
N ALA B 547 1.61 0.98 8.81
CA ALA B 547 2.67 0.80 7.82
C ALA B 547 2.17 1.06 6.42
N ALA B 548 0.97 0.55 6.09
CA ALA B 548 0.42 0.71 4.74
C ALA B 548 0.16 2.17 4.41
N PHE B 549 -0.04 3.02 5.41
CA PHE B 549 -0.28 4.43 5.17
C PHE B 549 0.96 5.17 4.63
N VAL B 550 2.15 4.64 4.85
CA VAL B 550 3.38 5.33 4.45
C VAL B 550 4.29 4.50 3.53
N ALA B 551 4.20 3.17 3.55
CA ALA B 551 5.23 2.34 2.93
C ALA B 551 5.31 2.46 1.42
N ASN B 552 4.27 2.97 0.76
CA ASN B 552 4.21 3.10 -0.68
C ASN B 552 4.58 4.48 -1.20
N ARG B 553 4.85 5.44 -0.31
CA ARG B 553 5.13 6.83 -0.70
C ARG B 553 6.57 7.05 -1.11
N PHE B 554 7.42 6.04 -0.97
CA PHE B 554 8.79 6.03 -1.48
C PHE B 554 9.01 4.69 -2.16
N ARG B 555 10.04 4.65 -3.01
CA ARG B 555 10.50 3.40 -3.62
C ARG B 555 12.01 3.28 -3.39
N VAL B 556 12.55 2.11 -3.68
CA VAL B 556 13.98 1.85 -3.52
C VAL B 556 14.54 1.45 -4.87
N VAL B 557 15.51 2.21 -5.35
CA VAL B 557 16.21 1.90 -6.59
C VAL B 557 17.61 1.43 -6.21
N GLN B 558 17.94 0.20 -6.58
CA GLN B 558 19.22 -0.38 -6.20
C GLN B 558 20.21 -0.41 -7.35
N SER B 559 21.49 -0.60 -7.00
CA SER B 559 22.54 -0.88 -7.96
C SER B 559 23.46 -1.97 -7.41
N ARG B 560 24.10 -2.71 -8.30
CA ARG B 560 25.02 -3.75 -7.89
C ARG B 560 26.26 -3.70 -8.75
N VAL B 561 27.39 -4.04 -8.15
CA VAL B 561 28.68 -4.10 -8.83
C VAL B 561 29.52 -5.16 -8.12
N HIS B 562 30.34 -5.87 -8.90
CA HIS B 562 31.27 -6.82 -8.31
C HIS B 562 32.30 -6.11 -7.45
N VAL B 563 32.70 -6.78 -6.36
CA VAL B 563 33.72 -6.31 -5.45
C VAL B 563 34.57 -7.52 -5.03
N ALA B 564 35.61 -7.25 -4.25
CA ALA B 564 36.42 -8.36 -3.76
C ALA B 564 35.68 -9.09 -2.64
N PRO B 565 35.83 -10.42 -2.54
CA PRO B 565 35.10 -11.20 -1.53
C PRO B 565 35.64 -11.01 -0.11
NA NA C . 13.91 -10.88 -24.72
C1 EDO D . 26.50 -34.18 -31.88
O1 EDO D . 26.56 -32.92 -31.22
C2 EDO D . 25.20 -34.90 -31.51
O2 EDO D . 24.08 -34.04 -31.74
C1 EDO E . 0.42 -40.08 -21.14
O1 EDO E . 1.65 -39.84 -21.87
C2 EDO E . -0.72 -40.05 -22.14
O2 EDO E . -0.43 -39.07 -23.14
N1 IMD F . -7.81 -9.63 -19.06
C2 IMD F . -7.21 -10.80 -18.72
N3 IMD F . -6.65 -10.68 -17.48
C4 IMD F . -6.90 -9.42 -17.04
C5 IMD F . -7.63 -8.75 -18.03
C1 EDO G . 23.07 -11.93 -8.15
O1 EDO G . 21.76 -12.24 -8.61
C2 EDO G . 23.01 -11.02 -6.92
O2 EDO G . 22.46 -9.74 -7.24
NA NA H . -23.51 13.70 13.15
C1 EDO I . -9.26 7.78 24.29
O1 EDO I . -9.36 8.20 22.92
C2 EDO I . -8.47 6.49 24.38
O2 EDO I . -8.87 5.56 23.35
C1 EDO J . -11.94 42.59 9.74
O1 EDO J . -11.48 43.43 10.80
C2 EDO J . -11.50 43.20 8.40
O2 EDO J . -12.56 43.04 7.46
N1 IMD K . -13.62 17.58 -6.69
C2 IMD K . -13.18 17.91 -5.46
N3 IMD K . -12.58 16.83 -4.90
C4 IMD K . -12.64 15.80 -5.80
C5 IMD K . -13.29 16.29 -6.94
#